data_8JC3
#
_entry.id   8JC3
#
_cell.length_a   58.556
_cell.length_b   147.580
_cell.length_c   64.598
_cell.angle_alpha   90.00
_cell.angle_beta   100.21
_cell.angle_gamma   90.00
#
_symmetry.space_group_name_H-M   'P 1 21 1'
#
loop_
_entity.id
_entity.type
_entity.pdbx_description
1 polymer 'Bifunctional cytochrome P450/NADPH--P450 reductase'
2 non-polymer 'PROTOPORPHYRIN IX CONTAINING FE'
3 non-polymer HYDROXYAMINE
4 non-polymer '4-(pyridin-4-ylamino)butanoic acid'
5 non-polymer PHENYLALANINE
6 water water
#
_entity_poly.entity_id   1
_entity_poly.type   'polypeptide(L)'
_entity_poly.pdbx_seq_one_letter_code
;GMTIKEMPQPKTFGELKNLPLLNTDKPVQALMKIADELGEIFKFEAPGRVTRYLSSQRLIKEACDESRFDKNLSQALKFV
RDFAGDGLATSWTHEKNWKKAHNILLPSFSQQAMKGYHAMMVDIAVQLVQKWERLNADEHIEVPEDMTRLTLDTIGLCGF
NYRFNSFYRDQPHPFITSMVRALDEAMNKLQRANPDDPAYDENKRQFQEDIKVMNDLVDKIIADRKASGEQSDDLLTHML
NGKDPETGEPLDDENIRYQIITFLIAGHEVTSGLLSFALYFLVKNPHVLQKAAEEAARVLVDPVPSYKQVKQLKYVGMVL
NEALRLWPTAPAFSLYAKEDTVLGGEYPLEKGDELMVLIPQLHRDKTIWGDDVEEFRPERFENPSAIPQHAFKPFGNGQR
ACIGQQFALHEATLVLGMMLKHFDFEDHTNYELDIKETLTLKPEGFVVKAKSKKIPLLEHHHHHH
;
_entity_poly.pdbx_strand_id   B,A
#
# COMPACT_ATOMS: atom_id res chain seq x y z
N LYS A 5 -18.79 23.55 14.61
CA LYS A 5 -18.89 23.78 16.06
C LYS A 5 -20.07 23.00 16.64
N GLU A 6 -21.27 23.26 16.14
CA GLU A 6 -22.46 22.53 16.59
C GLU A 6 -22.46 21.14 15.96
N MET A 7 -22.61 20.13 16.80
CA MET A 7 -22.42 18.75 16.35
C MET A 7 -23.74 18.15 15.90
N PRO A 8 -23.80 17.55 14.71
CA PRO A 8 -25.04 16.90 14.27
C PRO A 8 -25.39 15.72 15.17
N GLN A 9 -26.67 15.33 15.12
CA GLN A 9 -27.17 14.22 15.92
C GLN A 9 -28.35 13.58 15.20
N PRO A 10 -28.41 12.25 15.12
CA PRO A 10 -29.52 11.59 14.42
C PRO A 10 -30.84 11.70 15.17
N LYS A 11 -31.91 11.19 14.57
CA LYS A 11 -33.25 11.35 15.13
C LYS A 11 -33.34 10.75 16.53
N THR A 12 -34.21 11.32 17.35
CA THR A 12 -34.37 10.96 18.75
C THR A 12 -35.74 10.34 19.00
N PHE A 13 -35.86 9.70 20.17
CA PHE A 13 -37.07 8.98 20.57
C PHE A 13 -37.50 9.43 21.97
N GLY A 14 -37.73 10.73 22.12
CA GLY A 14 -38.14 11.24 23.41
C GLY A 14 -37.11 10.95 24.48
N GLU A 15 -37.57 10.37 25.59
CA GLU A 15 -36.68 10.10 26.73
C GLU A 15 -35.59 9.09 26.41
N LEU A 16 -35.78 8.25 25.40
CA LEU A 16 -34.77 7.27 25.03
C LEU A 16 -33.67 7.85 24.15
N LYS A 17 -33.79 9.11 23.73
CA LYS A 17 -32.78 9.81 22.91
C LYS A 17 -32.52 8.97 21.66
N ASN A 18 -31.28 8.63 21.34
CA ASN A 18 -30.95 7.86 20.14
C ASN A 18 -30.94 6.36 20.35
N LEU A 19 -31.13 5.88 21.58
CA LEU A 19 -30.97 4.46 21.87
C LEU A 19 -31.79 3.54 20.96
N PRO A 20 -33.06 3.80 20.66
CA PRO A 20 -33.80 2.90 19.76
C PRO A 20 -33.17 2.74 18.38
N LEU A 21 -32.30 3.65 17.95
CA LEU A 21 -31.61 3.47 16.68
C LEU A 21 -30.74 2.22 16.68
N LEU A 22 -30.31 1.78 17.87
CA LEU A 22 -29.53 0.55 17.99
C LEU A 22 -30.40 -0.68 18.14
N ASN A 23 -31.71 -0.50 18.31
CA ASN A 23 -32.66 -1.62 18.36
C ASN A 23 -32.93 -2.08 16.91
N THR A 24 -31.90 -2.70 16.34
CA THR A 24 -31.93 -3.19 14.97
C THR A 24 -30.88 -4.29 14.88
N ASP A 25 -31.07 -5.20 13.92
CA ASP A 25 -30.12 -6.30 13.85
C ASP A 25 -28.86 -5.95 13.08
N LYS A 26 -28.78 -4.76 12.47
CA LYS A 26 -27.59 -4.30 11.76
C LYS A 26 -27.22 -2.90 12.24
N PRO A 27 -26.75 -2.78 13.50
CA PRO A 27 -26.47 -1.43 14.04
C PRO A 27 -25.28 -0.74 13.41
N VAL A 28 -24.20 -1.46 13.10
CA VAL A 28 -23.05 -0.81 12.45
C VAL A 28 -23.45 -0.22 11.11
N GLN A 29 -24.20 -0.98 10.33
CA GLN A 29 -24.62 -0.50 9.02
C GLN A 29 -25.59 0.68 9.16
N ALA A 30 -26.43 0.68 10.19
CA ALA A 30 -27.26 1.85 10.47
C ALA A 30 -26.39 3.05 10.83
N LEU A 31 -25.36 2.84 11.63
CA LEU A 31 -24.48 3.95 12.02
C LEU A 31 -23.69 4.47 10.83
N MET A 32 -23.30 3.58 9.91
CA MET A 32 -22.66 4.03 8.67
C MET A 32 -23.60 4.90 7.86
N LYS A 33 -24.87 4.53 7.76
CA LYS A 33 -25.83 5.34 7.02
C LYS A 33 -26.05 6.69 7.69
N ILE A 34 -26.06 6.72 9.03
CA ILE A 34 -26.17 7.99 9.73
C ILE A 34 -24.96 8.87 9.42
N ALA A 35 -23.77 8.27 9.42
CA ALA A 35 -22.56 9.03 9.10
C ALA A 35 -22.59 9.56 7.67
N ASP A 36 -23.16 8.79 6.74
CA ASP A 36 -23.31 9.27 5.37
C ASP A 36 -24.14 10.54 5.32
N GLU A 37 -25.18 10.63 6.15
CA GLU A 37 -26.04 11.80 6.17
C GLU A 37 -25.43 12.94 6.97
N LEU A 38 -24.79 12.63 8.10
CA LEU A 38 -24.39 13.67 9.03
C LEU A 38 -22.93 14.08 8.91
N GLY A 39 -22.08 13.24 8.34
CA GLY A 39 -20.69 13.61 8.14
C GLY A 39 -19.72 12.99 9.12
N GLU A 40 -18.59 13.67 9.29
CA GLU A 40 -17.41 13.11 9.97
C GLU A 40 -17.60 12.95 11.47
N ILE A 41 -18.62 13.56 12.07
CA ILE A 41 -18.83 13.42 13.50
C ILE A 41 -20.31 13.66 13.80
N PHE A 42 -20.87 12.81 14.66
CA PHE A 42 -22.21 13.07 15.17
C PHE A 42 -22.29 12.59 16.61
N LYS A 43 -23.09 13.30 17.40
CA LYS A 43 -23.35 12.92 18.77
C LYS A 43 -24.36 11.79 18.82
N PHE A 44 -24.16 10.86 19.76
CA PHE A 44 -25.10 9.77 19.99
C PHE A 44 -25.39 9.74 21.48
N GLU A 45 -26.66 9.86 21.84
CA GLU A 45 -27.08 9.91 23.22
C GLU A 45 -27.97 8.73 23.56
N ALA A 46 -27.82 8.22 24.77
CA ALA A 46 -28.70 7.24 25.38
C ALA A 46 -28.89 7.66 26.83
N PRO A 47 -29.88 7.11 27.52
CA PRO A 47 -30.03 7.41 28.95
C PRO A 47 -28.75 7.09 29.71
N GLY A 48 -28.17 8.13 30.31
CA GLY A 48 -26.93 7.97 31.03
C GLY A 48 -25.70 7.76 30.18
N ARG A 49 -25.75 8.14 28.90
CA ARG A 49 -24.67 7.85 27.97
C ARG A 49 -24.61 8.94 26.90
N VAL A 50 -23.42 9.46 26.65
CA VAL A 50 -23.15 10.35 25.52
C VAL A 50 -21.86 9.91 24.86
N THR A 51 -21.88 9.75 23.55
CA THR A 51 -20.66 9.47 22.80
C THR A 51 -20.75 10.17 21.45
N ARG A 52 -19.62 10.17 20.74
CA ARG A 52 -19.48 10.87 19.45
C ARG A 52 -18.82 9.92 18.46
N TYR A 53 -19.48 9.70 17.32
CA TYR A 53 -18.98 8.77 16.32
C TYR A 53 -18.14 9.51 15.29
N LEU A 54 -16.89 9.06 15.11
CA LEU A 54 -15.96 9.68 14.19
C LEU A 54 -15.82 8.85 12.92
N SER A 55 -15.75 9.53 11.78
CA SER A 55 -15.70 8.84 10.49
C SER A 55 -14.63 9.35 9.55
N SER A 56 -13.96 10.46 9.84
CA SER A 56 -12.96 11.03 8.96
C SER A 56 -11.56 10.74 9.48
N GLN A 57 -10.64 10.50 8.55
CA GLN A 57 -9.24 10.38 8.95
C GLN A 57 -8.74 11.65 9.63
N ARG A 58 -9.30 12.80 9.25
CA ARG A 58 -8.89 14.07 9.83
C ARG A 58 -9.09 14.08 11.34
N LEU A 59 -10.25 13.63 11.81
CA LEU A 59 -10.53 13.60 13.25
C LEU A 59 -10.00 12.35 13.93
N ILE A 60 -10.02 11.21 13.24
CA ILE A 60 -9.60 9.96 13.86
C ILE A 60 -8.10 9.96 14.12
N LYS A 61 -7.31 10.63 13.27
CA LYS A 61 -5.88 10.70 13.53
C LYS A 61 -5.60 11.47 14.82
N GLU A 62 -6.45 12.44 15.17
CA GLU A 62 -6.30 13.13 16.44
C GLU A 62 -6.75 12.24 17.59
N ALA A 63 -7.86 11.51 17.42
CA ALA A 63 -8.31 10.60 18.46
C ALA A 63 -7.28 9.51 18.73
N CYS A 64 -6.47 9.16 17.75
CA CYS A 64 -5.44 8.15 17.89
C CYS A 64 -4.14 8.70 18.51
N ASP A 65 -4.13 9.98 18.89
CA ASP A 65 -3.01 10.56 19.64
C ASP A 65 -3.09 10.04 21.07
N GLU A 66 -2.20 9.11 21.41
CA GLU A 66 -2.24 8.48 22.73
C GLU A 66 -1.90 9.45 23.85
N SER A 67 -1.26 10.59 23.56
CA SER A 67 -1.04 11.58 24.61
C SER A 67 -2.34 12.29 24.98
N ARG A 68 -3.35 12.26 24.11
CA ARG A 68 -4.61 12.94 24.35
C ARG A 68 -5.79 12.03 24.62
N PHE A 69 -5.75 10.79 24.11
CA PHE A 69 -6.87 9.86 24.25
C PHE A 69 -6.34 8.47 24.59
N ASP A 70 -7.10 7.76 25.42
CA ASP A 70 -6.80 6.39 25.84
C ASP A 70 -7.98 5.50 25.47
N LYS A 71 -7.75 4.19 25.43
CA LYS A 71 -8.84 3.26 25.12
C LYS A 71 -9.93 3.33 26.19
N ASN A 72 -11.18 3.42 25.74
CA ASN A 72 -12.35 3.34 26.59
C ASN A 72 -13.02 2.00 26.40
N LEU A 73 -13.61 1.47 27.47
CA LEU A 73 -14.45 0.29 27.35
C LEU A 73 -15.83 0.74 26.90
N SER A 74 -16.18 0.43 25.64
CA SER A 74 -17.53 0.62 25.17
C SER A 74 -18.50 -0.21 26.02
N GLN A 75 -19.80 0.07 25.87
CA GLN A 75 -20.78 -0.74 26.57
C GLN A 75 -20.70 -2.20 26.13
N ALA A 76 -20.41 -2.44 24.85
CA ALA A 76 -20.17 -3.80 24.37
C ALA A 76 -19.03 -4.46 25.13
N LEU A 77 -17.89 -3.78 25.23
CA LEU A 77 -16.75 -4.34 25.95
C LEU A 77 -17.02 -4.49 27.44
N LYS A 78 -17.82 -3.58 28.02
CA LYS A 78 -18.16 -3.70 29.44
C LYS A 78 -18.98 -4.96 29.69
N PHE A 79 -19.92 -5.27 28.78
CA PHE A 79 -20.72 -6.48 28.95
C PHE A 79 -19.91 -7.73 28.65
N VAL A 80 -18.99 -7.66 27.70
CA VAL A 80 -18.12 -8.80 27.43
C VAL A 80 -17.17 -9.05 28.60
N ARG A 81 -16.78 -7.98 29.30
CA ARG A 81 -15.91 -8.12 30.47
C ARG A 81 -16.51 -9.04 31.54
N ASP A 82 -17.84 -9.20 31.55
CA ASP A 82 -18.45 -10.10 32.53
C ASP A 82 -18.00 -11.54 32.36
N PHE A 83 -17.48 -11.91 31.19
CA PHE A 83 -16.84 -13.21 31.04
C PHE A 83 -15.41 -13.15 30.51
N ALA A 84 -14.98 -12.05 29.90
CA ALA A 84 -13.58 -11.91 29.52
C ALA A 84 -12.73 -11.31 30.63
N GLY A 85 -13.36 -10.84 31.71
CA GLY A 85 -12.64 -10.37 32.89
C GLY A 85 -11.65 -9.27 32.57
N ASP A 86 -10.54 -9.26 33.28
CA ASP A 86 -9.47 -8.32 32.97
C ASP A 86 -8.43 -8.93 32.02
N GLY A 87 -8.90 -9.72 31.07
CA GLY A 87 -8.10 -10.05 29.89
C GLY A 87 -7.75 -8.78 29.11
N LEU A 88 -6.89 -8.96 28.10
CA LEU A 88 -6.25 -7.81 27.46
C LEU A 88 -7.27 -6.90 26.80
N ALA A 89 -8.30 -7.46 26.17
CA ALA A 89 -9.22 -6.66 25.37
C ALA A 89 -10.23 -5.89 26.21
N THR A 90 -10.54 -6.35 27.43
CA THR A 90 -11.57 -5.73 28.26
C THR A 90 -10.96 -5.14 29.52
N SER A 91 -9.65 -4.88 29.51
CA SER A 91 -8.96 -4.22 30.61
CA SER A 91 -8.96 -4.22 30.61
C SER A 91 -8.76 -2.73 30.31
N TRP A 92 -8.80 -1.91 31.36
CA TRP A 92 -8.39 -0.53 31.21
C TRP A 92 -6.86 -0.48 31.19
N THR A 93 -6.32 0.53 30.50
CA THR A 93 -4.87 0.63 30.34
C THR A 93 -4.17 0.81 31.70
N HIS A 94 -4.84 1.42 32.67
CA HIS A 94 -4.25 1.70 33.96
C HIS A 94 -4.41 0.55 34.96
N GLU A 95 -5.12 -0.52 34.61
CA GLU A 95 -5.19 -1.68 35.48
C GLU A 95 -3.88 -2.46 35.40
N LYS A 96 -3.38 -2.87 36.58
CA LYS A 96 -2.10 -3.56 36.66
C LYS A 96 -2.03 -4.75 35.70
N ASN A 97 -3.13 -5.49 35.56
CA ASN A 97 -3.11 -6.70 34.75
C ASN A 97 -3.06 -6.43 33.25
N TRP A 98 -3.37 -5.22 32.78
CA TRP A 98 -3.21 -4.98 31.35
C TRP A 98 -1.73 -4.97 30.96
N LYS A 99 -0.96 -4.05 31.55
CA LYS A 99 0.45 -3.92 31.18
C LYS A 99 1.22 -5.20 31.52
N LYS A 100 0.86 -5.84 32.62
CA LYS A 100 1.49 -7.09 33.00
C LYS A 100 1.29 -8.15 31.93
N ALA A 101 0.04 -8.37 31.52
CA ALA A 101 -0.23 -9.37 30.49
C ALA A 101 0.30 -8.92 29.14
N HIS A 102 0.25 -7.61 28.87
CA HIS A 102 0.79 -7.07 27.63
C HIS A 102 2.28 -7.40 27.48
N ASN A 103 3.07 -7.11 28.53
CA ASN A 103 4.50 -7.38 28.46
C ASN A 103 4.77 -8.88 28.31
N ILE A 104 3.99 -9.71 28.99
CA ILE A 104 4.24 -11.15 28.95
C ILE A 104 3.85 -11.72 27.59
N LEU A 105 2.73 -11.26 27.02
CA LEU A 105 2.18 -11.89 25.83
C LEU A 105 2.70 -11.32 24.52
N LEU A 106 3.21 -10.09 24.51
CA LEU A 106 3.69 -9.49 23.26
C LEU A 106 4.72 -10.35 22.53
N PRO A 107 5.75 -10.91 23.18
CA PRO A 107 6.68 -11.76 22.44
C PRO A 107 6.04 -13.01 21.89
N SER A 108 4.97 -13.50 22.50
CA SER A 108 4.30 -14.70 22.02
C SER A 108 3.37 -14.42 20.84
N PHE A 109 3.19 -13.17 20.45
CA PHE A 109 2.35 -12.82 19.30
C PHE A 109 3.14 -12.17 18.17
N SER A 110 4.47 -12.11 18.29
CA SER A 110 5.28 -11.43 17.29
C SER A 110 5.27 -12.21 15.97
N GLN A 111 5.74 -11.56 14.92
CA GLN A 111 5.92 -12.24 13.64
C GLN A 111 6.85 -13.44 13.81
N GLN A 112 7.91 -13.28 14.61
CA GLN A 112 8.83 -14.39 14.85
C GLN A 112 8.15 -15.54 15.56
N ALA A 113 7.17 -15.24 16.42
CA ALA A 113 6.48 -16.30 17.15
C ALA A 113 5.54 -17.10 16.25
N MET A 114 5.12 -16.54 15.12
CA MET A 114 4.26 -17.28 14.21
C MET A 114 4.94 -18.53 13.66
N LYS A 115 6.28 -18.53 13.61
CA LYS A 115 6.99 -19.72 13.18
C LYS A 115 6.64 -20.93 14.05
N GLY A 116 6.41 -20.69 15.35
CA GLY A 116 6.09 -21.79 16.25
C GLY A 116 4.64 -22.25 16.20
N TYR A 117 3.73 -21.36 15.80
CA TYR A 117 2.32 -21.71 15.65
C TYR A 117 2.01 -22.32 14.28
N HIS A 118 2.93 -22.22 13.34
CA HIS A 118 2.61 -22.49 11.94
C HIS A 118 2.13 -23.91 11.73
N ALA A 119 2.78 -24.88 12.38
CA ALA A 119 2.41 -26.29 12.19
C ALA A 119 0.99 -26.56 12.67
N MET A 120 0.60 -25.96 13.80
CA MET A 120 -0.75 -26.14 14.31
C MET A 120 -1.78 -25.46 13.41
N MET A 121 -1.43 -24.30 12.85
CA MET A 121 -2.30 -23.67 11.87
C MET A 121 -2.47 -24.55 10.63
N VAL A 122 -1.39 -25.17 10.17
CA VAL A 122 -1.46 -26.04 9.01
C VAL A 122 -2.34 -27.25 9.31
N ASP A 123 -2.26 -27.76 10.54
CA ASP A 123 -3.08 -28.89 10.95
C ASP A 123 -4.56 -28.65 10.67
N ILE A 124 -5.09 -27.51 11.14
CA ILE A 124 -6.51 -27.22 10.95
C ILE A 124 -6.78 -26.83 9.49
N ALA A 125 -5.87 -26.10 8.87
CA ALA A 125 -6.05 -25.71 7.48
C ALA A 125 -6.16 -26.93 6.57
N VAL A 126 -5.37 -27.96 6.85
CA VAL A 126 -5.46 -29.20 6.07
C VAL A 126 -6.81 -29.86 6.27
N GLN A 127 -7.34 -29.83 7.50
CA GLN A 127 -8.67 -30.39 7.73
C GLN A 127 -9.73 -29.67 6.92
N LEU A 128 -9.61 -28.34 6.80
CA LEU A 128 -10.56 -27.59 5.99
C LEU A 128 -10.46 -27.97 4.52
N VAL A 129 -9.25 -28.01 3.98
CA VAL A 129 -9.05 -28.39 2.58
C VAL A 129 -9.55 -29.81 2.33
N GLN A 130 -9.28 -30.72 3.25
CA GLN A 130 -9.72 -32.11 3.07
C GLN A 130 -11.24 -32.21 3.12
N LYS A 131 -11.89 -31.43 3.99
CA LYS A 131 -13.36 -31.40 3.98
C LYS A 131 -13.88 -31.01 2.61
N TRP A 132 -13.31 -29.96 2.02
CA TRP A 132 -13.81 -29.49 0.73
C TRP A 132 -13.47 -30.47 -0.39
N GLU A 133 -12.32 -31.15 -0.30
CA GLU A 133 -11.99 -32.17 -1.29
C GLU A 133 -12.98 -33.32 -1.26
N ARG A 134 -13.60 -33.57 -0.11
CA ARG A 134 -14.45 -34.73 0.08
C ARG A 134 -15.94 -34.43 -0.15
N LEU A 135 -16.27 -33.21 -0.53
CA LEU A 135 -17.65 -32.90 -0.88
C LEU A 135 -18.02 -33.57 -2.20
N ASN A 136 -19.30 -33.93 -2.32
CA ASN A 136 -19.80 -34.52 -3.54
C ASN A 136 -20.15 -33.43 -4.55
N ALA A 137 -20.31 -33.84 -5.80
CA ALA A 137 -20.68 -32.90 -6.85
C ALA A 137 -21.98 -32.18 -6.49
N ASP A 138 -22.01 -30.89 -6.80
CA ASP A 138 -23.19 -30.05 -6.60
C ASP A 138 -23.57 -29.88 -5.13
N GLU A 139 -22.80 -30.47 -4.21
CA GLU A 139 -22.83 -29.97 -2.85
C GLU A 139 -22.10 -28.63 -2.80
N HIS A 140 -22.43 -27.83 -1.79
CA HIS A 140 -21.86 -26.49 -1.70
C HIS A 140 -21.22 -26.30 -0.34
N ILE A 141 -20.52 -25.18 -0.20
CA ILE A 141 -19.79 -24.82 1.00
C ILE A 141 -20.54 -23.69 1.70
N GLU A 142 -20.75 -23.84 3.01
CA GLU A 142 -21.26 -22.75 3.84
C GLU A 142 -20.02 -22.05 4.39
N VAL A 143 -19.70 -20.89 3.80
CA VAL A 143 -18.37 -20.30 3.95
C VAL A 143 -18.13 -19.81 5.38
N PRO A 144 -18.94 -18.87 5.93
CA PRO A 144 -18.64 -18.42 7.29
C PRO A 144 -18.70 -19.52 8.32
N GLU A 145 -19.57 -20.51 8.12
CA GLU A 145 -19.64 -21.65 9.05
C GLU A 145 -18.31 -22.40 9.07
N ASP A 146 -17.76 -22.73 7.90
CA ASP A 146 -16.50 -23.47 7.86
C ASP A 146 -15.32 -22.61 8.30
N MET A 147 -15.34 -21.31 7.97
CA MET A 147 -14.27 -20.43 8.44
C MET A 147 -14.25 -20.33 9.95
N THR A 148 -15.43 -20.30 10.59
CA THR A 148 -15.50 -20.23 12.03
C THR A 148 -15.04 -21.54 12.67
N ARG A 149 -15.37 -22.66 12.03
CA ARG A 149 -14.84 -23.96 12.47
C ARG A 149 -13.31 -23.89 12.47
N LEU A 150 -12.74 -23.36 11.40
CA LEU A 150 -11.28 -23.28 11.31
C LEU A 150 -10.61 -22.32 12.33
N THR A 151 -11.12 -21.11 12.47
CA THR A 151 -10.52 -20.13 13.40
C THR A 151 -10.66 -20.58 14.84
N LEU A 152 -11.82 -21.11 15.22
CA LEU A 152 -12.00 -21.59 16.60
C LEU A 152 -11.03 -22.75 16.86
N ASP A 153 -10.96 -23.71 15.94
CA ASP A 153 -10.07 -24.85 16.18
C ASP A 153 -8.61 -24.41 16.19
N THR A 154 -8.25 -23.44 15.34
CA THR A 154 -6.88 -22.99 15.29
C THR A 154 -6.48 -22.26 16.57
N ILE A 155 -7.37 -21.40 17.10
CA ILE A 155 -7.04 -20.70 18.33
C ILE A 155 -7.09 -21.67 19.51
N GLY A 156 -7.97 -22.67 19.48
CA GLY A 156 -7.97 -23.68 20.52
C GLY A 156 -6.65 -24.45 20.57
N LEU A 157 -6.12 -24.80 19.40
CA LEU A 157 -4.89 -25.58 19.35
C LEU A 157 -3.68 -24.72 19.69
N CYS A 158 -3.56 -23.54 19.07
CA CYS A 158 -2.45 -22.65 19.36
C CYS A 158 -2.57 -22.01 20.73
N GLY A 159 -3.80 -21.85 21.23
CA GLY A 159 -4.01 -21.18 22.50
C GLY A 159 -3.70 -22.06 23.70
N PHE A 160 -4.23 -23.29 23.71
CA PHE A 160 -4.00 -24.17 24.85
C PHE A 160 -4.01 -25.65 24.46
N ASN A 161 -3.62 -25.97 23.22
CA ASN A 161 -3.39 -27.34 22.79
C ASN A 161 -4.63 -28.20 23.01
N TYR A 162 -5.80 -27.62 22.76
CA TYR A 162 -7.08 -28.30 22.90
C TYR A 162 -7.78 -28.35 21.56
N ARG A 163 -8.35 -29.51 21.24
CA ARG A 163 -9.00 -29.72 19.96
C ARG A 163 -10.52 -29.69 20.14
N PHE A 164 -11.14 -28.61 19.66
CA PHE A 164 -12.60 -28.55 19.63
C PHE A 164 -13.16 -29.51 18.59
N ASN A 165 -12.34 -29.93 17.63
CA ASN A 165 -12.73 -30.92 16.62
C ASN A 165 -14.01 -30.51 15.90
N SER A 166 -14.04 -29.24 15.49
CA SER A 166 -15.25 -28.66 14.91
C SER A 166 -15.60 -29.29 13.57
N PHE A 167 -14.62 -29.80 12.84
CA PHE A 167 -14.90 -30.42 11.55
C PHE A 167 -15.44 -31.84 11.70
N TYR A 168 -15.60 -32.32 12.92
CA TYR A 168 -16.24 -33.59 13.20
C TYR A 168 -17.67 -33.42 13.70
N ARG A 169 -18.22 -32.20 13.64
CA ARG A 169 -19.42 -31.87 14.38
C ARG A 169 -20.37 -31.07 13.52
N ASP A 170 -21.67 -31.30 13.76
CA ASP A 170 -22.73 -30.38 13.34
C ASP A 170 -23.03 -29.39 14.46
N GLN A 171 -23.27 -29.91 15.67
CA GLN A 171 -23.44 -29.09 16.87
C GLN A 171 -22.07 -28.78 17.47
N PRO A 172 -21.76 -27.52 17.73
CA PRO A 172 -20.43 -27.17 18.22
C PRO A 172 -20.15 -27.75 19.60
N HIS A 173 -18.87 -27.78 19.94
CA HIS A 173 -18.43 -28.15 21.27
C HIS A 173 -19.20 -27.35 22.31
N PRO A 174 -19.60 -27.96 23.43
CA PRO A 174 -20.39 -27.23 24.44
C PRO A 174 -19.79 -25.89 24.84
N PHE A 175 -18.46 -25.77 24.89
CA PHE A 175 -17.85 -24.49 25.21
C PHE A 175 -18.22 -23.43 24.18
N ILE A 176 -18.18 -23.80 22.90
CA ILE A 176 -18.45 -22.84 21.83
C ILE A 176 -19.92 -22.39 21.87
N THR A 177 -20.83 -23.32 22.15
CA THR A 177 -22.24 -22.97 22.26
C THR A 177 -22.46 -21.94 23.37
N SER A 178 -21.81 -22.13 24.51
CA SER A 178 -21.94 -21.17 25.61
C SER A 178 -21.24 -19.86 25.28
N MET A 179 -20.08 -19.92 24.62
CA MET A 179 -19.37 -18.70 24.26
C MET A 179 -20.20 -17.85 23.30
N VAL A 180 -20.73 -18.47 22.24
CA VAL A 180 -21.53 -17.74 21.28
C VAL A 180 -22.77 -17.15 21.94
N ARG A 181 -23.43 -17.93 22.81
CA ARG A 181 -24.62 -17.45 23.48
C ARG A 181 -24.30 -16.37 24.50
N ALA A 182 -23.13 -16.44 25.14
CA ALA A 182 -22.72 -15.35 26.02
C ALA A 182 -22.46 -14.08 25.23
N LEU A 183 -21.85 -14.21 24.05
CA LEU A 183 -21.64 -13.06 23.19
C LEU A 183 -22.97 -12.46 22.72
N ASP A 184 -23.92 -13.33 22.35
CA ASP A 184 -25.23 -12.84 21.91
C ASP A 184 -25.91 -12.05 23.02
N GLU A 185 -25.89 -12.57 24.25
CA GLU A 185 -26.52 -11.89 25.37
C GLU A 185 -25.89 -10.53 25.62
N ALA A 186 -24.56 -10.45 25.57
CA ALA A 186 -23.88 -9.18 25.77
C ALA A 186 -24.33 -8.16 24.72
N MET A 187 -24.36 -8.56 23.45
CA MET A 187 -24.75 -7.62 22.40
C MET A 187 -26.24 -7.31 22.46
N ASN A 188 -27.07 -8.31 22.80
CA ASN A 188 -28.50 -8.07 22.92
C ASN A 188 -28.82 -7.08 24.03
N LYS A 189 -28.05 -7.10 25.12
CA LYS A 189 -28.29 -6.16 26.22
C LYS A 189 -28.16 -4.71 25.77
N LEU A 190 -27.31 -4.44 24.78
CA LEU A 190 -27.09 -3.07 24.33
C LEU A 190 -28.39 -2.46 23.82
N GLN A 191 -29.09 -3.17 22.95
CA GLN A 191 -30.33 -2.69 22.32
C GLN A 191 -31.55 -2.83 23.23
N ARG A 192 -31.34 -3.14 24.50
CA ARG A 192 -32.43 -3.52 25.40
C ARG A 192 -33.12 -2.30 26.00
N PRO A 195 -33.64 -1.10 30.07
CA PRO A 195 -35.01 -1.60 30.20
C PRO A 195 -35.09 -3.07 30.60
N ASP A 196 -34.35 -3.44 31.65
CA ASP A 196 -34.23 -4.83 32.07
C ASP A 196 -35.39 -5.18 33.01
N ASP A 197 -36.51 -5.59 32.43
CA ASP A 197 -37.70 -5.98 33.18
C ASP A 197 -37.57 -7.44 33.63
N PRO A 198 -38.59 -7.97 34.30
CA PRO A 198 -38.53 -9.37 34.74
C PRO A 198 -38.47 -10.38 33.62
N ALA A 199 -38.84 -9.99 32.39
CA ALA A 199 -38.83 -10.93 31.27
C ALA A 199 -37.43 -11.40 30.90
N TYR A 200 -36.41 -10.62 31.23
CA TYR A 200 -35.03 -10.99 30.92
C TYR A 200 -34.40 -11.84 32.01
N ASP A 201 -35.21 -12.36 32.94
CA ASP A 201 -34.68 -13.23 34.00
C ASP A 201 -34.14 -14.53 33.41
N GLU A 202 -34.80 -15.06 32.38
CA GLU A 202 -34.30 -16.27 31.72
C GLU A 202 -32.97 -15.99 31.04
N ASN A 203 -32.84 -14.83 30.39
CA ASN A 203 -31.56 -14.44 29.80
C ASN A 203 -30.46 -14.38 30.86
N LYS A 204 -30.76 -13.79 32.02
CA LYS A 204 -29.76 -13.66 33.07
C LYS A 204 -29.32 -15.01 33.61
N ARG A 205 -30.27 -15.92 33.83
CA ARG A 205 -29.93 -17.25 34.34
C ARG A 205 -29.08 -18.01 33.33
N GLN A 206 -29.43 -17.95 32.05
CA GLN A 206 -28.65 -18.63 31.02
C GLN A 206 -27.25 -18.03 30.91
N PHE A 207 -27.14 -16.71 31.06
CA PHE A 207 -25.85 -16.03 30.96
C PHE A 207 -24.87 -16.55 32.01
N GLN A 208 -25.33 -16.73 33.25
CA GLN A 208 -24.44 -17.23 34.29
C GLN A 208 -24.09 -18.70 34.06
N GLU A 209 -25.01 -19.45 33.47
CA GLU A 209 -24.73 -20.84 33.13
C GLU A 209 -23.65 -20.93 32.04
N ASP A 210 -23.71 -20.05 31.04
CA ASP A 210 -22.72 -20.06 29.99
C ASP A 210 -21.36 -19.59 30.50
N ILE A 211 -21.35 -18.62 31.42
CA ILE A 211 -20.11 -18.19 32.05
C ILE A 211 -19.44 -19.36 32.76
N LYS A 212 -20.23 -20.15 33.50
CA LYS A 212 -19.68 -21.27 34.25
C LYS A 212 -19.12 -22.34 33.32
N VAL A 213 -19.81 -22.61 32.21
CA VAL A 213 -19.31 -23.58 31.24
C VAL A 213 -17.93 -23.17 30.74
N MET A 214 -17.75 -21.89 30.42
CA MET A 214 -16.47 -21.43 29.89
C MET A 214 -15.38 -21.48 30.95
N ASN A 215 -15.67 -20.96 32.14
CA ASN A 215 -14.69 -20.99 33.22
C ASN A 215 -14.28 -22.42 33.57
N ASP A 216 -15.26 -23.32 33.67
CA ASP A 216 -14.97 -24.69 34.11
C ASP A 216 -14.02 -25.39 33.14
N LEU A 217 -14.28 -25.30 31.82
CA LEU A 217 -13.40 -25.95 30.86
C LEU A 217 -12.01 -25.35 30.89
N VAL A 218 -11.92 -24.01 30.85
CA VAL A 218 -10.61 -23.38 30.81
C VAL A 218 -9.87 -23.60 32.13
N ASP A 219 -10.55 -23.46 33.26
CA ASP A 219 -9.89 -23.72 34.55
C ASP A 219 -9.43 -25.17 34.64
N LYS A 220 -10.19 -26.10 34.08
CA LYS A 220 -9.78 -27.50 34.12
C LYS A 220 -8.54 -27.73 33.28
N ILE A 221 -8.48 -27.12 32.09
CA ILE A 221 -7.31 -27.30 31.23
C ILE A 221 -6.06 -26.70 31.86
N ILE A 222 -6.18 -25.51 32.46
CA ILE A 222 -5.05 -24.91 33.17
C ILE A 222 -4.60 -25.84 34.29
N ALA A 223 -5.54 -26.30 35.11
CA ALA A 223 -5.21 -27.22 36.20
C ALA A 223 -4.60 -28.51 35.66
N ASP A 224 -5.15 -29.05 34.58
CA ASP A 224 -4.60 -30.25 33.98
C ASP A 224 -3.15 -30.03 33.52
N ARG A 225 -2.88 -28.88 32.91
CA ARG A 225 -1.54 -28.61 32.41
C ARG A 225 -0.52 -28.46 33.54
N LYS A 226 -0.91 -27.77 34.62
CA LYS A 226 0.01 -27.59 35.74
C LYS A 226 0.31 -28.93 36.43
N ALA A 227 -0.71 -29.79 36.58
CA ALA A 227 -0.50 -31.09 37.20
C ALA A 227 0.42 -31.97 36.36
N SER A 228 0.25 -31.95 35.03
CA SER A 228 1.09 -32.76 34.15
C SER A 228 2.50 -32.19 34.05
N GLY A 229 2.63 -30.88 33.95
CA GLY A 229 3.93 -30.27 33.70
C GLY A 229 4.37 -30.25 32.25
N GLU A 230 3.48 -30.61 31.33
CA GLU A 230 3.82 -30.71 29.92
C GLU A 230 4.07 -29.34 29.28
N GLN A 231 4.98 -29.33 28.32
CA GLN A 231 5.30 -28.15 27.54
C GLN A 231 4.82 -28.36 26.11
N SER A 232 4.11 -27.40 25.57
CA SER A 232 3.68 -27.40 24.18
C SER A 232 4.10 -26.09 23.54
N ASP A 233 3.74 -25.94 22.27
CA ASP A 233 3.99 -24.72 21.51
C ASP A 233 2.81 -23.78 21.55
N ASP A 234 2.10 -23.74 22.67
CA ASP A 234 0.88 -22.97 22.79
C ASP A 234 1.06 -21.78 23.73
N LEU A 235 0.07 -20.89 23.69
CA LEU A 235 0.10 -19.70 24.53
C LEU A 235 -0.02 -20.04 26.02
N LEU A 236 -0.71 -21.14 26.34
CA LEU A 236 -0.87 -21.51 27.75
C LEU A 236 0.47 -21.82 28.40
N THR A 237 1.34 -22.56 27.71
CA THR A 237 2.68 -22.82 28.23
C THR A 237 3.45 -21.54 28.45
N HIS A 238 3.38 -20.61 27.48
CA HIS A 238 4.07 -19.33 27.62
C HIS A 238 3.56 -18.54 28.82
N MET A 239 2.25 -18.61 29.08
CA MET A 239 1.69 -17.87 30.20
C MET A 239 1.99 -18.53 31.55
N LEU A 240 2.14 -19.85 31.56
CA LEU A 240 2.51 -20.53 32.81
C LEU A 240 3.96 -20.27 33.19
N ASN A 241 4.82 -20.00 32.22
CA ASN A 241 6.24 -19.80 32.47
C ASN A 241 6.69 -18.35 32.42
N GLY A 242 5.93 -17.48 31.77
CA GLY A 242 6.39 -16.12 31.54
C GLY A 242 6.28 -15.25 32.78
N LYS A 243 7.20 -14.28 32.86
CA LYS A 243 7.18 -13.29 33.93
C LYS A 243 7.27 -11.89 33.34
N ASP A 244 6.47 -10.99 33.87
CA ASP A 244 6.50 -9.59 33.46
C ASP A 244 7.83 -8.96 33.86
N PRO A 245 8.63 -8.46 32.91
CA PRO A 245 9.90 -7.82 33.30
C PRO A 245 9.72 -6.66 34.26
N GLU A 246 8.60 -5.94 34.17
CA GLU A 246 8.38 -4.77 35.02
C GLU A 246 8.10 -5.20 36.47
N THR A 247 6.99 -5.91 36.68
CA THR A 247 6.64 -6.33 38.03
C THR A 247 7.45 -7.54 38.51
N GLY A 248 8.07 -8.27 37.59
CA GLY A 248 8.69 -9.54 37.93
C GLY A 248 7.71 -10.67 38.17
N GLU A 249 6.39 -10.42 38.00
CA GLU A 249 5.33 -11.35 38.33
C GLU A 249 4.86 -12.12 37.11
N PRO A 250 4.45 -13.38 37.31
CA PRO A 250 3.70 -14.10 36.30
C PRO A 250 2.20 -13.82 36.41
N LEU A 251 1.48 -14.13 35.34
CA LEU A 251 0.03 -14.09 35.39
C LEU A 251 -0.49 -15.15 36.34
N ASP A 252 -1.52 -14.80 37.11
CA ASP A 252 -2.16 -15.76 37.99
C ASP A 252 -3.12 -16.64 37.18
N ASP A 253 -3.56 -17.74 37.81
CA ASP A 253 -4.37 -18.72 37.08
C ASP A 253 -5.70 -18.12 36.62
N GLU A 254 -6.29 -17.23 37.41
CA GLU A 254 -7.54 -16.61 36.99
C GLU A 254 -7.35 -15.74 35.76
N ASN A 255 -6.30 -14.92 35.75
CA ASN A 255 -6.06 -14.05 34.59
C ASN A 255 -5.71 -14.87 33.36
N ILE A 256 -4.93 -15.94 33.52
CA ILE A 256 -4.64 -16.82 32.38
C ILE A 256 -5.93 -17.33 31.77
N ARG A 257 -6.90 -17.70 32.62
CA ARG A 257 -8.20 -18.14 32.11
C ARG A 257 -8.87 -17.03 31.30
N TYR A 258 -8.84 -15.80 31.80
CA TYR A 258 -9.45 -14.69 31.07
C TYR A 258 -8.73 -14.42 29.76
N GLN A 259 -7.41 -14.58 29.72
CA GLN A 259 -6.69 -14.40 28.46
C GLN A 259 -7.10 -15.46 27.44
N ILE A 260 -7.19 -16.72 27.87
CA ILE A 260 -7.58 -17.80 26.96
C ILE A 260 -8.99 -17.55 26.43
N ILE A 261 -9.93 -17.24 27.34
CA ILE A 261 -11.28 -16.88 26.95
C ILE A 261 -11.25 -15.69 25.98
N THR A 262 -10.38 -14.71 26.24
CA THR A 262 -10.27 -13.54 25.36
C THR A 262 -9.79 -13.92 23.97
N PHE A 263 -8.75 -14.76 23.89
CA PHE A 263 -8.25 -15.19 22.58
C PHE A 263 -9.36 -15.80 21.74
N LEU A 264 -10.16 -16.68 22.36
CA LEU A 264 -11.26 -17.32 21.63
C LEU A 264 -12.33 -16.31 21.24
N ILE A 265 -12.74 -15.46 22.18
CA ILE A 265 -13.81 -14.49 21.94
C ILE A 265 -13.36 -13.42 20.95
N ALA A 266 -12.24 -12.78 21.24
CA ALA A 266 -11.81 -11.63 20.48
C ALA A 266 -11.22 -12.03 19.13
N GLY A 267 -10.66 -13.23 19.03
CA GLY A 267 -9.92 -13.63 17.85
C GLY A 267 -10.67 -14.42 16.79
N HIS A 268 -11.61 -15.28 17.20
CA HIS A 268 -12.14 -16.28 16.26
C HIS A 268 -13.07 -15.64 15.24
N GLU A 269 -13.94 -14.71 15.67
CA GLU A 269 -15.01 -14.24 14.79
C GLU A 269 -14.50 -13.20 13.80
N VAL A 270 -13.68 -12.29 14.26
CA VAL A 270 -13.04 -11.30 13.36
C VAL A 270 -12.27 -12.04 12.26
N THR A 271 -11.56 -13.10 12.62
CA THR A 271 -10.71 -13.79 11.65
C THR A 271 -11.54 -14.60 10.65
N SER A 272 -12.58 -15.29 11.14
CA SER A 272 -13.42 -16.05 10.22
C SER A 272 -14.20 -15.09 9.32
N GLY A 273 -14.63 -13.96 9.87
CA GLY A 273 -15.27 -12.95 9.05
C GLY A 273 -14.36 -12.41 7.96
N LEU A 274 -13.09 -12.16 8.29
CA LEU A 274 -12.15 -11.69 7.29
C LEU A 274 -12.03 -12.68 6.14
N LEU A 275 -11.85 -13.96 6.47
CA LEU A 275 -11.72 -14.99 5.44
C LEU A 275 -12.99 -15.07 4.60
N SER A 276 -14.15 -14.98 5.23
CA SER A 276 -15.41 -15.06 4.48
C SER A 276 -15.58 -13.86 3.57
N PHE A 277 -15.29 -12.65 4.06
CA PHE A 277 -15.37 -11.47 3.21
C PHE A 277 -14.36 -11.54 2.08
N ALA A 278 -13.15 -12.02 2.37
CA ALA A 278 -12.13 -12.11 1.32
C ALA A 278 -12.57 -13.06 0.21
N LEU A 279 -13.09 -14.23 0.58
CA LEU A 279 -13.57 -15.15 -0.44
C LEU A 279 -14.77 -14.57 -1.19
N TYR A 280 -15.65 -13.86 -0.48
CA TYR A 280 -16.75 -13.17 -1.14
C TYR A 280 -16.25 -12.20 -2.20
N PHE A 281 -15.34 -11.31 -1.82
CA PHE A 281 -14.83 -10.33 -2.79
C PHE A 281 -14.09 -11.01 -3.94
N LEU A 282 -13.41 -12.13 -3.67
CA LEU A 282 -12.69 -12.83 -4.73
C LEU A 282 -13.64 -13.37 -5.79
N VAL A 283 -14.72 -14.05 -5.37
CA VAL A 283 -15.63 -14.61 -6.36
C VAL A 283 -16.44 -13.53 -7.05
N LYS A 284 -16.60 -12.37 -6.43
CA LYS A 284 -17.26 -11.23 -7.06
C LYS A 284 -16.33 -10.46 -8.00
N ASN A 285 -15.03 -10.74 -7.99
CA ASN A 285 -14.04 -10.01 -8.78
C ASN A 285 -13.07 -10.99 -9.41
N PRO A 286 -13.48 -11.63 -10.51
CA PRO A 286 -12.67 -12.72 -11.08
C PRO A 286 -11.25 -12.33 -11.47
N HIS A 287 -11.04 -11.08 -11.85
CA HIS A 287 -9.66 -10.70 -12.21
C HIS A 287 -8.79 -10.78 -10.95
N VAL A 288 -9.32 -10.32 -9.85
CA VAL A 288 -8.59 -10.38 -8.57
C VAL A 288 -8.35 -11.85 -8.19
N LEU A 289 -9.37 -12.68 -8.36
CA LEU A 289 -9.21 -14.12 -8.00
C LEU A 289 -8.11 -14.76 -8.86
N GLN A 290 -8.09 -14.45 -10.12
CA GLN A 290 -7.06 -15.08 -10.96
C GLN A 290 -5.65 -14.65 -10.53
N LYS A 291 -5.49 -13.39 -10.18
CA LYS A 291 -4.17 -12.86 -9.77
C LYS A 291 -3.78 -13.51 -8.44
N ALA A 292 -4.75 -13.64 -7.54
CA ALA A 292 -4.42 -14.29 -6.28
C ALA A 292 -4.15 -15.78 -6.45
N ALA A 293 -4.93 -16.46 -7.30
CA ALA A 293 -4.70 -17.88 -7.51
C ALA A 293 -3.38 -18.14 -8.23
N GLU A 294 -2.95 -17.23 -9.11
CA GLU A 294 -1.65 -17.40 -9.75
C GLU A 294 -0.53 -17.39 -8.72
N GLU A 295 -0.60 -16.44 -7.79
CA GLU A 295 0.43 -16.35 -6.76
C GLU A 295 0.44 -17.57 -5.86
N ALA A 296 -0.76 -18.05 -5.46
CA ALA A 296 -0.84 -19.23 -4.62
C ALA A 296 -0.23 -20.45 -5.29
N ALA A 297 -0.50 -20.63 -6.59
CA ALA A 297 0.06 -21.76 -7.31
C ALA A 297 1.57 -21.63 -7.47
N ARG A 298 2.06 -20.41 -7.70
CA ARG A 298 3.50 -20.21 -7.90
C ARG A 298 4.26 -20.34 -6.59
N VAL A 299 3.70 -19.83 -5.49
CA VAL A 299 4.45 -19.78 -4.24
C VAL A 299 4.35 -21.10 -3.48
N LEU A 300 3.15 -21.68 -3.40
CA LEU A 300 2.92 -22.87 -2.57
C LEU A 300 3.25 -24.13 -3.37
N VAL A 301 4.56 -24.34 -3.56
CA VAL A 301 5.02 -25.44 -4.41
C VAL A 301 5.10 -26.78 -3.68
N ASP A 302 4.90 -26.79 -2.37
CA ASP A 302 4.98 -28.01 -1.58
C ASP A 302 3.60 -28.45 -1.12
N PRO A 303 3.41 -29.74 -0.83
CA PRO A 303 2.09 -30.21 -0.37
C PRO A 303 1.61 -29.49 0.88
N VAL A 304 2.53 -29.10 1.75
CA VAL A 304 2.22 -28.37 2.97
C VAL A 304 2.94 -27.04 2.90
N PRO A 305 2.27 -25.90 3.06
CA PRO A 305 2.96 -24.62 3.02
C PRO A 305 3.91 -24.47 4.20
N SER A 306 5.07 -23.87 3.93
CA SER A 306 6.01 -23.50 4.96
C SER A 306 5.73 -22.09 5.45
N TYR A 307 6.30 -21.77 6.62
CA TYR A 307 6.20 -20.40 7.13
C TYR A 307 6.73 -19.39 6.13
N LYS A 308 7.92 -19.63 5.59
CA LYS A 308 8.51 -18.68 4.63
C LYS A 308 7.65 -18.52 3.40
N GLN A 309 7.00 -19.59 2.94
CA GLN A 309 6.16 -19.49 1.76
C GLN A 309 4.95 -18.60 2.00
N VAL A 310 4.36 -18.67 3.20
CA VAL A 310 3.21 -17.83 3.50
C VAL A 310 3.60 -16.36 3.45
N LYS A 311 4.78 -16.02 3.97
CA LYS A 311 5.24 -14.63 3.90
C LYS A 311 5.40 -14.15 2.46
N GLN A 312 5.56 -15.08 1.50
CA GLN A 312 5.73 -14.70 0.11
C GLN A 312 4.40 -14.46 -0.62
N LEU A 313 3.27 -14.74 0.03
CA LEU A 313 1.95 -14.52 -0.57
C LEU A 313 1.57 -13.06 -0.44
N LYS A 314 2.30 -12.22 -1.17
CA LYS A 314 2.12 -10.78 -1.08
C LYS A 314 0.73 -10.35 -1.53
N TYR A 315 0.30 -10.81 -2.72
CA TYR A 315 -0.99 -10.37 -3.25
C TYR A 315 -2.15 -10.91 -2.43
N VAL A 316 -2.02 -12.13 -1.88
CA VAL A 316 -3.03 -12.63 -0.95
C VAL A 316 -3.18 -11.69 0.23
N GLY A 317 -2.06 -11.18 0.75
CA GLY A 317 -2.12 -10.22 1.84
C GLY A 317 -2.78 -8.93 1.43
N MET A 318 -2.59 -8.51 0.17
CA MET A 318 -3.27 -7.33 -0.33
C MET A 318 -4.76 -7.55 -0.43
N VAL A 319 -5.18 -8.75 -0.85
CA VAL A 319 -6.60 -9.10 -0.86
C VAL A 319 -7.17 -8.99 0.55
N LEU A 320 -6.47 -9.56 1.53
CA LEU A 320 -6.96 -9.55 2.90
C LEU A 320 -7.06 -8.13 3.45
N ASN A 321 -6.05 -7.29 3.20
CA ASN A 321 -6.12 -5.91 3.68
C ASN A 321 -7.25 -5.14 3.02
N GLU A 322 -7.48 -5.35 1.72
CA GLU A 322 -8.59 -4.68 1.06
C GLU A 322 -9.93 -5.20 1.58
N ALA A 323 -10.01 -6.48 1.92
CA ALA A 323 -11.21 -6.99 2.58
C ALA A 323 -11.42 -6.32 3.93
N LEU A 324 -10.34 -6.15 4.70
CA LEU A 324 -10.43 -5.44 5.97
C LEU A 324 -10.75 -3.95 5.78
N ARG A 325 -10.33 -3.36 4.66
CA ARG A 325 -10.68 -1.97 4.43
C ARG A 325 -12.19 -1.82 4.29
N LEU A 326 -12.80 -2.60 3.40
CA LEU A 326 -14.24 -2.44 3.15
C LEU A 326 -15.08 -2.92 4.32
N TRP A 327 -14.75 -4.06 4.92
CA TRP A 327 -15.53 -4.62 6.03
C TRP A 327 -14.60 -5.03 7.17
N PRO A 328 -14.08 -4.05 7.90
CA PRO A 328 -13.30 -4.36 9.11
C PRO A 328 -14.18 -5.11 10.10
N THR A 329 -13.78 -6.35 10.40
CA THR A 329 -14.68 -7.25 11.12
C THR A 329 -14.83 -6.89 12.59
N ALA A 330 -13.87 -6.15 13.16
CA ALA A 330 -14.08 -5.49 14.44
C ALA A 330 -14.41 -4.04 14.12
N PRO A 331 -15.69 -3.66 14.07
CA PRO A 331 -16.06 -2.44 13.32
C PRO A 331 -15.86 -1.15 14.09
N ALA A 332 -15.48 -1.17 15.36
CA ALA A 332 -15.35 0.09 16.09
C ALA A 332 -14.44 -0.11 17.27
N PHE A 333 -13.86 1.00 17.74
CA PHE A 333 -13.25 1.04 19.06
C PHE A 333 -13.54 2.39 19.69
N SER A 334 -13.37 2.45 21.01
CA SER A 334 -13.82 3.58 21.81
C SER A 334 -12.63 4.22 22.52
N LEU A 335 -12.72 5.53 22.72
CA LEU A 335 -11.66 6.31 23.33
C LEU A 335 -12.28 7.31 24.30
N TYR A 336 -11.46 7.78 25.25
CA TYR A 336 -11.86 8.87 26.13
C TYR A 336 -10.75 9.89 26.19
N ALA A 337 -11.14 11.16 26.42
CA ALA A 337 -10.18 12.25 26.51
C ALA A 337 -9.47 12.18 27.87
N LYS A 338 -8.14 12.11 27.83
CA LYS A 338 -7.37 12.09 29.07
C LYS A 338 -7.47 13.42 29.81
N GLU A 339 -7.56 14.54 29.08
CA GLU A 339 -7.76 15.86 29.65
C GLU A 339 -8.68 16.64 28.73
N ASP A 340 -9.09 17.83 29.19
CA ASP A 340 -9.79 18.76 28.30
C ASP A 340 -8.96 19.00 27.04
N THR A 341 -9.63 18.97 25.89
CA THR A 341 -8.93 19.13 24.62
C THR A 341 -9.95 19.50 23.54
N VAL A 342 -9.43 19.99 22.42
CA VAL A 342 -10.25 20.44 21.31
C VAL A 342 -9.98 19.55 20.11
N LEU A 343 -11.03 18.92 19.59
CA LEU A 343 -10.93 17.98 18.49
C LEU A 343 -11.13 18.70 17.16
N GLY A 344 -10.15 18.58 16.27
CA GLY A 344 -10.26 19.18 14.94
C GLY A 344 -10.37 20.68 14.94
N GLY A 345 -9.97 21.33 16.03
CA GLY A 345 -10.02 22.77 16.13
C GLY A 345 -11.40 23.37 16.25
N GLU A 346 -12.44 22.55 16.47
CA GLU A 346 -13.79 23.10 16.54
C GLU A 346 -14.71 22.33 17.47
N TYR A 347 -14.30 21.16 17.96
CA TYR A 347 -15.11 20.35 18.85
C TYR A 347 -14.43 20.23 20.21
N PRO A 348 -14.72 21.14 21.14
CA PRO A 348 -14.09 21.07 22.46
C PRO A 348 -14.63 19.88 23.25
N LEU A 349 -13.72 19.14 23.87
CA LEU A 349 -14.07 17.97 24.65
C LEU A 349 -13.57 18.16 26.07
N GLU A 350 -14.35 17.70 27.04
CA GLU A 350 -13.92 17.71 28.43
C GLU A 350 -13.28 16.38 28.79
N LYS A 351 -12.46 16.40 29.84
CA LYS A 351 -11.86 15.18 30.35
C LYS A 351 -12.93 14.12 30.59
N GLY A 352 -12.66 12.90 30.14
CA GLY A 352 -13.60 11.81 30.29
C GLY A 352 -14.59 11.66 29.16
N ASP A 353 -14.73 12.65 28.29
CA ASP A 353 -15.66 12.54 27.17
C ASP A 353 -15.24 11.40 26.26
N GLU A 354 -16.24 10.70 25.72
CA GLU A 354 -16.04 9.46 24.98
C GLU A 354 -16.14 9.70 23.47
N LEU A 355 -15.37 8.91 22.72
CA LEU A 355 -15.40 8.90 21.27
C LEU A 355 -15.51 7.48 20.77
N MET A 356 -16.21 7.30 19.64
CA MET A 356 -16.26 6.03 18.93
C MET A 356 -15.65 6.21 17.54
N VAL A 357 -14.75 5.31 17.17
CA VAL A 357 -14.16 5.30 15.84
C VAL A 357 -14.92 4.29 15.00
N LEU A 358 -15.66 4.78 14.00
CA LEU A 358 -16.46 3.94 13.10
C LEU A 358 -15.58 3.53 11.94
N ILE A 359 -14.93 2.36 12.08
CA ILE A 359 -13.86 1.99 11.15
C ILE A 359 -14.35 1.85 9.71
N PRO A 360 -15.49 1.23 9.41
CA PRO A 360 -15.89 1.14 7.99
C PRO A 360 -16.05 2.49 7.32
N GLN A 361 -16.45 3.51 8.07
CA GLN A 361 -16.58 4.84 7.48
C GLN A 361 -15.21 5.47 7.26
N LEU A 362 -14.31 5.35 8.24
CA LEU A 362 -12.93 5.79 8.08
C LEU A 362 -12.32 5.23 6.79
N HIS A 363 -12.53 3.94 6.56
CA HIS A 363 -11.99 3.27 5.39
C HIS A 363 -12.70 3.67 4.10
N ARG A 364 -13.74 4.50 4.19
CA ARG A 364 -14.44 5.02 3.03
C ARG A 364 -14.23 6.53 2.87
N ASP A 365 -13.25 7.10 3.56
CA ASP A 365 -12.95 8.52 3.46
C ASP A 365 -12.40 8.83 2.08
N LYS A 366 -13.22 9.45 1.24
CA LYS A 366 -12.83 9.70 -0.15
C LYS A 366 -11.64 10.63 -0.25
N THR A 367 -11.44 11.51 0.73
CA THR A 367 -10.28 12.38 0.71
C THR A 367 -8.98 11.61 0.89
N ILE A 368 -9.05 10.38 1.36
CA ILE A 368 -7.88 9.51 1.52
C ILE A 368 -7.77 8.52 0.38
N TRP A 369 -8.86 7.82 0.07
CA TRP A 369 -8.85 6.70 -0.85
C TRP A 369 -9.31 7.05 -2.26
N GLY A 370 -9.80 8.27 -2.49
CA GLY A 370 -10.35 8.63 -3.78
C GLY A 370 -11.83 8.32 -3.88
N ASP A 371 -12.36 8.54 -5.08
CA ASP A 371 -13.80 8.41 -5.28
C ASP A 371 -14.25 6.95 -5.31
N ASP A 372 -13.37 6.02 -5.69
CA ASP A 372 -13.74 4.62 -5.84
C ASP A 372 -13.69 3.83 -4.52
N VAL A 373 -14.16 4.41 -3.42
CA VAL A 373 -14.00 3.78 -2.11
C VAL A 373 -14.72 2.44 -2.02
N GLU A 374 -15.84 2.29 -2.74
CA GLU A 374 -16.63 1.06 -2.61
C GLU A 374 -16.12 -0.06 -3.51
N GLU A 375 -15.13 0.19 -4.34
CA GLU A 375 -14.60 -0.83 -5.23
C GLU A 375 -13.57 -1.69 -4.50
N PHE A 376 -13.55 -2.97 -4.82
CA PHE A 376 -12.61 -3.91 -4.21
C PHE A 376 -11.38 -3.98 -5.11
N ARG A 377 -10.31 -3.29 -4.69
CA ARG A 377 -9.10 -3.17 -5.48
C ARG A 377 -7.91 -3.43 -4.56
N PRO A 378 -7.44 -4.68 -4.47
CA PRO A 378 -6.27 -4.97 -3.63
C PRO A 378 -5.03 -4.19 -4.04
N GLU A 379 -4.97 -3.74 -5.29
CA GLU A 379 -3.82 -2.97 -5.76
C GLU A 379 -3.63 -1.67 -4.98
N ARG A 380 -4.64 -1.22 -4.23
CA ARG A 380 -4.46 -0.08 -3.33
C ARG A 380 -3.33 -0.33 -2.35
N PHE A 381 -3.11 -1.59 -1.99
CA PHE A 381 -2.15 -1.98 -0.97
C PHE A 381 -0.86 -2.54 -1.57
N GLU A 382 -0.63 -2.30 -2.87
CA GLU A 382 0.57 -2.81 -3.52
C GLU A 382 1.83 -2.24 -2.91
N ASN A 383 1.79 -0.99 -2.45
CA ASN A 383 2.93 -0.34 -1.81
C ASN A 383 2.41 0.21 -0.49
N PRO A 384 2.73 -0.43 0.63
CA PRO A 384 2.14 -0.03 1.93
C PRO A 384 2.43 1.41 2.32
N SER A 385 3.53 2.00 1.84
CA SER A 385 3.88 3.36 2.23
C SER A 385 2.95 4.42 1.66
N ALA A 386 2.13 4.07 0.66
CA ALA A 386 1.23 5.05 0.08
C ALA A 386 -0.02 5.26 0.93
N ILE A 387 -0.14 4.56 2.05
CA ILE A 387 -1.31 4.67 2.92
C ILE A 387 -0.99 5.69 4.01
N PRO A 388 -1.76 6.78 4.12
CA PRO A 388 -1.48 7.79 5.15
C PRO A 388 -1.65 7.23 6.56
N GLN A 389 -1.04 7.94 7.51
CA GLN A 389 -1.12 7.54 8.91
C GLN A 389 -2.58 7.59 9.39
N HIS A 390 -3.00 6.52 10.07
CA HIS A 390 -4.32 6.39 10.69
C HIS A 390 -5.46 6.42 9.68
N ALA A 391 -5.19 6.13 8.41
CA ALA A 391 -6.26 5.97 7.43
C ALA A 391 -6.84 4.56 7.42
N PHE A 392 -6.08 3.59 7.90
CA PHE A 392 -6.41 2.16 7.80
C PHE A 392 -6.18 1.58 9.19
N LYS A 393 -7.27 1.31 9.92
CA LYS A 393 -7.20 0.93 11.33
C LYS A 393 -8.04 -0.31 11.67
N PRO A 394 -7.92 -1.39 10.88
CA PRO A 394 -8.73 -2.58 11.20
C PRO A 394 -8.31 -3.26 12.49
N PHE A 395 -7.11 -2.97 13.00
CA PHE A 395 -6.60 -3.60 14.21
C PHE A 395 -6.47 -2.61 15.38
N GLY A 396 -7.22 -1.51 15.33
CA GLY A 396 -7.18 -0.56 16.43
C GLY A 396 -5.94 0.32 16.38
N ASN A 397 -5.56 0.84 17.54
CA ASN A 397 -4.58 1.91 17.57
C ASN A 397 -3.61 1.76 18.74
N GLY A 398 -2.34 2.06 18.47
CA GLY A 398 -1.32 2.27 19.48
C GLY A 398 -1.06 1.05 20.33
N GLN A 399 -0.74 1.28 21.60
CA GLN A 399 -0.45 0.19 22.51
C GLN A 399 -1.67 -0.68 22.78
N ARG A 400 -2.88 -0.15 22.56
CA ARG A 400 -4.10 -0.94 22.67
C ARG A 400 -4.55 -1.51 21.34
N ALA A 401 -3.66 -1.57 20.35
CA ALA A 401 -3.99 -2.23 19.10
C ALA A 401 -4.09 -3.74 19.29
N CYS A 402 -4.61 -4.41 18.26
CA CYS A 402 -4.77 -5.86 18.30
C CYS A 402 -3.43 -6.56 18.51
N ILE A 403 -3.31 -7.28 19.62
CA ILE A 403 -2.11 -8.08 19.86
C ILE A 403 -2.06 -9.29 18.93
N GLY A 404 -3.22 -9.73 18.42
CA GLY A 404 -3.29 -10.89 17.55
C GLY A 404 -3.15 -10.58 16.07
N GLN A 405 -2.69 -9.39 15.71
CA GLN A 405 -2.69 -8.99 14.31
C GLN A 405 -1.85 -9.92 13.45
N GLN A 406 -0.62 -10.23 13.89
CA GLN A 406 0.24 -11.11 13.09
C GLN A 406 -0.32 -12.53 13.04
N PHE A 407 -0.87 -13.00 14.16
CA PHE A 407 -1.56 -14.29 14.18
C PHE A 407 -2.69 -14.32 13.17
N ALA A 408 -3.56 -13.31 13.21
CA ALA A 408 -4.72 -13.29 12.32
C ALA A 408 -4.30 -13.27 10.86
N LEU A 409 -3.30 -12.45 10.52
CA LEU A 409 -2.88 -12.32 9.13
C LEU A 409 -2.08 -13.52 8.64
N HIS A 410 -1.27 -14.15 9.51
CA HIS A 410 -0.60 -15.38 9.11
C HIS A 410 -1.62 -16.49 8.87
N GLU A 411 -2.59 -16.59 9.78
CA GLU A 411 -3.66 -17.62 9.71
C GLU A 411 -4.52 -17.42 8.46
N ALA A 412 -4.90 -16.17 8.16
CA ALA A 412 -5.76 -15.89 7.02
C ALA A 412 -5.00 -16.02 5.70
N THR A 413 -3.74 -15.59 5.67
CA THR A 413 -2.95 -15.72 4.44
C THR A 413 -2.68 -17.19 4.11
N LEU A 414 -2.31 -17.97 5.12
CA LEU A 414 -2.10 -19.39 4.93
C LEU A 414 -3.35 -20.07 4.37
N VAL A 415 -4.50 -19.82 5.00
CA VAL A 415 -5.70 -20.57 4.64
C VAL A 415 -6.21 -20.12 3.27
N LEU A 416 -6.27 -18.81 3.02
CA LEU A 416 -6.71 -18.35 1.72
C LEU A 416 -5.78 -18.81 0.62
N GLY A 417 -4.47 -18.82 0.90
CA GLY A 417 -3.52 -19.33 -0.07
C GLY A 417 -3.79 -20.79 -0.42
N MET A 418 -4.01 -21.62 0.59
CA MET A 418 -4.30 -23.03 0.34
C MET A 418 -5.63 -23.19 -0.38
N MET A 419 -6.64 -22.40 0.00
CA MET A 419 -7.93 -22.46 -0.69
C MET A 419 -7.77 -22.13 -2.17
N LEU A 420 -6.99 -21.10 -2.48
CA LEU A 420 -6.80 -20.69 -3.87
C LEU A 420 -5.91 -21.67 -4.63
N LYS A 421 -5.00 -22.35 -3.92
CA LYS A 421 -4.15 -23.34 -4.58
C LYS A 421 -4.95 -24.56 -4.99
N HIS A 422 -5.91 -24.99 -4.16
CA HIS A 422 -6.52 -26.31 -4.31
C HIS A 422 -7.87 -26.30 -5.01
N PHE A 423 -8.54 -25.16 -5.15
CA PHE A 423 -9.90 -25.16 -5.68
C PHE A 423 -10.14 -23.99 -6.61
N ASP A 424 -11.00 -24.22 -7.61
CA ASP A 424 -11.71 -23.15 -8.31
C ASP A 424 -13.04 -22.95 -7.63
N PHE A 425 -13.50 -21.70 -7.55
CA PHE A 425 -14.70 -21.36 -6.81
C PHE A 425 -15.75 -20.80 -7.73
N GLU A 426 -17.00 -21.20 -7.50
CA GLU A 426 -18.14 -20.72 -8.27
C GLU A 426 -19.13 -20.05 -7.33
N ASP A 427 -19.53 -18.82 -7.67
CA ASP A 427 -20.60 -18.11 -6.98
C ASP A 427 -21.93 -18.58 -7.59
N HIS A 428 -22.28 -19.83 -7.28
CA HIS A 428 -23.32 -20.53 -8.00
C HIS A 428 -24.71 -19.97 -7.72
N THR A 429 -24.91 -19.25 -6.63
CA THR A 429 -26.19 -18.65 -6.32
C THR A 429 -26.26 -17.18 -6.68
N ASN A 430 -25.18 -16.59 -7.19
CA ASN A 430 -25.04 -15.14 -7.32
C ASN A 430 -25.41 -14.47 -6.00
N TYR A 431 -24.63 -14.82 -4.98
CA TYR A 431 -24.95 -14.47 -3.60
C TYR A 431 -25.06 -12.96 -3.42
N GLU A 432 -26.15 -12.54 -2.77
CA GLU A 432 -26.39 -11.13 -2.47
C GLU A 432 -25.85 -10.85 -1.07
N LEU A 433 -24.88 -9.93 -0.98
CA LEU A 433 -24.20 -9.69 0.28
C LEU A 433 -25.19 -9.30 1.37
N ASP A 434 -25.14 -10.03 2.47
CA ASP A 434 -26.01 -9.82 3.63
C ASP A 434 -25.11 -9.93 4.85
N ILE A 435 -24.87 -8.82 5.53
CA ILE A 435 -23.88 -8.75 6.59
C ILE A 435 -24.59 -8.92 7.92
N LYS A 436 -24.33 -10.05 8.58
CA LYS A 436 -24.84 -10.30 9.91
C LYS A 436 -23.95 -9.62 10.94
N GLU A 437 -24.57 -9.08 11.98
CA GLU A 437 -23.85 -8.34 13.01
C GLU A 437 -24.02 -9.03 14.35
N THR A 438 -22.90 -9.27 15.01
CA THR A 438 -22.86 -9.80 16.39
C THR A 438 -21.99 -8.83 17.16
N LEU A 439 -20.94 -9.30 17.80
CA LEU A 439 -19.87 -8.39 18.24
C LEU A 439 -19.09 -7.91 16.99
N THR A 440 -19.07 -8.75 15.94
CA THR A 440 -18.35 -8.54 14.68
C THR A 440 -19.27 -8.55 13.46
N LEU A 441 -18.64 -8.54 12.31
CA LEU A 441 -19.32 -8.50 11.01
C LEU A 441 -18.97 -9.75 10.21
N LYS A 442 -19.94 -10.30 9.48
CA LYS A 442 -19.66 -11.42 8.59
C LYS A 442 -20.75 -11.55 7.55
N PRO A 443 -20.45 -12.12 6.38
CA PRO A 443 -21.48 -12.27 5.33
C PRO A 443 -22.38 -13.49 5.54
N GLU A 444 -23.56 -13.27 6.08
CA GLU A 444 -24.48 -14.37 6.39
C GLU A 444 -24.99 -15.04 5.13
N GLY A 445 -25.04 -16.37 5.16
CA GLY A 445 -25.58 -17.13 4.06
C GLY A 445 -24.69 -17.25 2.85
N PHE A 446 -23.44 -16.82 2.94
CA PHE A 446 -22.52 -16.90 1.82
C PHE A 446 -22.17 -18.36 1.54
N VAL A 447 -22.49 -18.81 0.32
CA VAL A 447 -22.23 -20.17 -0.11
C VAL A 447 -21.53 -20.15 -1.47
N VAL A 448 -20.66 -21.13 -1.69
CA VAL A 448 -19.96 -21.30 -2.96
C VAL A 448 -19.84 -22.79 -3.26
N LYS A 449 -19.51 -23.08 -4.51
CA LYS A 449 -19.11 -24.41 -4.93
C LYS A 449 -17.62 -24.42 -5.23
N ALA A 450 -16.93 -25.48 -4.82
CA ALA A 450 -15.51 -25.61 -5.05
C ALA A 450 -15.25 -26.82 -5.94
N LYS A 451 -14.59 -26.58 -7.06
CA LYS A 451 -14.14 -27.64 -7.95
C LYS A 451 -12.66 -27.86 -7.71
N SER A 452 -12.30 -29.06 -7.28
CA SER A 452 -10.93 -29.34 -6.89
C SER A 452 -10.00 -29.28 -8.09
N LYS A 453 -8.82 -28.67 -7.89
CA LYS A 453 -7.75 -28.75 -8.87
C LYS A 453 -6.98 -30.07 -8.79
N LYS A 454 -7.35 -30.95 -7.86
CA LYS A 454 -6.78 -32.30 -7.76
C LYS A 454 -5.28 -32.27 -7.45
N ILE A 455 -4.88 -31.35 -6.59
CA ILE A 455 -3.48 -31.24 -6.16
C ILE A 455 -3.37 -31.92 -4.79
N PRO A 456 -2.48 -32.90 -4.63
CA PRO A 456 -2.44 -33.67 -3.38
C PRO A 456 -1.83 -32.88 -2.24
N LEU A 457 -2.13 -33.33 -1.02
CA LEU A 457 -1.62 -32.72 0.20
C LEU A 457 -0.46 -33.51 0.78
N LYS B 5 18.68 -23.36 -18.74
CA LYS B 5 19.76 -23.51 -17.78
C LYS B 5 20.96 -22.65 -18.18
N GLU B 6 21.50 -22.91 -19.37
CA GLU B 6 22.61 -22.11 -19.88
C GLU B 6 22.09 -20.78 -20.39
N MET B 7 22.68 -19.71 -19.93
CA MET B 7 22.15 -18.38 -20.18
C MET B 7 22.76 -17.80 -21.46
N PRO B 8 21.94 -17.30 -22.39
CA PRO B 8 22.50 -16.68 -23.60
C PRO B 8 23.31 -15.44 -23.27
N GLN B 9 24.15 -15.04 -24.24
CA GLN B 9 25.00 -13.87 -24.10
C GLN B 9 25.24 -13.30 -25.48
N PRO B 10 25.14 -11.97 -25.65
CA PRO B 10 25.38 -11.39 -26.98
C PRO B 10 26.84 -11.46 -27.39
N LYS B 11 27.14 -11.03 -28.61
CA LYS B 11 28.47 -11.16 -29.18
C LYS B 11 29.50 -10.43 -28.32
N THR B 12 30.72 -10.96 -28.29
CA THR B 12 31.79 -10.44 -27.44
C THR B 12 32.92 -9.88 -28.30
N PHE B 13 33.78 -9.12 -27.63
CA PHE B 13 34.90 -8.42 -28.27
C PHE B 13 36.20 -8.76 -27.52
N GLY B 14 36.51 -10.04 -27.44
CA GLY B 14 37.73 -10.45 -26.76
C GLY B 14 37.74 -10.01 -25.31
N GLU B 15 38.83 -9.36 -24.90
CA GLU B 15 39.02 -8.97 -23.51
C GLU B 15 37.99 -7.94 -23.04
N LEU B 16 37.39 -7.17 -23.96
CA LEU B 16 36.38 -6.20 -23.56
C LEU B 16 35.01 -6.82 -23.35
N LYS B 17 34.86 -8.11 -23.63
CA LYS B 17 33.61 -8.86 -23.45
C LYS B 17 32.51 -8.13 -24.21
N ASN B 18 31.37 -7.80 -23.59
CA ASN B 18 30.26 -7.14 -24.25
C ASN B 18 30.32 -5.62 -24.20
N LEU B 19 31.32 -5.05 -23.53
CA LEU B 19 31.36 -3.60 -23.31
C LEU B 19 31.21 -2.76 -24.58
N PRO B 20 31.87 -3.07 -25.70
CA PRO B 20 31.68 -2.24 -26.90
C PRO B 20 30.24 -2.16 -27.38
N LEU B 21 29.38 -3.10 -26.99
CA LEU B 21 27.96 -3.02 -27.36
C LEU B 21 27.30 -1.78 -26.80
N LEU B 22 27.82 -1.24 -25.69
CA LEU B 22 27.29 -0.02 -25.10
C LEU B 22 27.91 1.24 -25.69
N ASN B 23 28.96 1.10 -26.52
CA ASN B 23 29.55 2.23 -27.23
C ASN B 23 28.66 2.56 -28.42
N THR B 24 27.49 3.12 -28.10
CA THR B 24 26.47 3.47 -29.07
C THR B 24 25.62 4.57 -28.46
N ASP B 25 24.97 5.35 -29.32
CA ASP B 25 24.20 6.48 -28.81
C ASP B 25 22.82 6.07 -28.33
N LYS B 26 22.40 4.84 -28.60
CA LYS B 26 21.09 4.32 -28.17
C LYS B 26 21.27 2.96 -27.51
N PRO B 27 21.89 2.93 -26.31
CA PRO B 27 22.18 1.63 -25.69
C PRO B 27 20.95 0.86 -25.23
N VAL B 28 19.92 1.56 -24.72
CA VAL B 28 18.70 0.86 -24.30
C VAL B 28 18.05 0.18 -25.49
N GLN B 29 17.94 0.91 -26.61
CA GLN B 29 17.35 0.31 -27.81
C GLN B 29 18.22 -0.82 -28.35
N ALA B 30 19.55 -0.70 -28.21
CA ALA B 30 20.42 -1.82 -28.55
C ALA B 30 20.16 -3.01 -27.63
N LEU B 31 19.97 -2.76 -26.34
CA LEU B 31 19.71 -3.85 -25.40
C LEU B 31 18.35 -4.49 -25.66
N MET B 32 17.36 -3.68 -26.04
CA MET B 32 16.07 -4.22 -26.45
C MET B 32 16.20 -5.13 -27.66
N LYS B 33 17.02 -4.73 -28.64
CA LYS B 33 17.22 -5.58 -29.82
C LYS B 33 17.92 -6.89 -29.45
N ILE B 34 18.86 -6.83 -28.50
CA ILE B 34 19.50 -8.06 -28.02
C ILE B 34 18.47 -8.97 -27.36
N ALA B 35 17.57 -8.39 -26.55
CA ALA B 35 16.53 -9.18 -25.91
C ALA B 35 15.59 -9.81 -26.93
N ASP B 36 15.31 -9.10 -28.03
CA ASP B 36 14.51 -9.69 -29.10
C ASP B 36 15.17 -10.95 -29.65
N GLU B 37 16.50 -10.94 -29.78
CA GLU B 37 17.23 -12.07 -30.33
C GLU B 37 17.46 -13.17 -29.30
N LEU B 38 17.76 -12.81 -28.05
CA LEU B 38 18.20 -13.80 -27.07
C LEU B 38 17.11 -14.25 -26.12
N GLY B 39 16.05 -13.46 -25.94
CA GLY B 39 14.95 -13.85 -25.09
C GLY B 39 14.93 -13.15 -23.74
N GLU B 40 14.27 -13.82 -22.79
CA GLU B 40 13.89 -13.23 -21.51
C GLU B 40 15.05 -12.97 -20.58
N ILE B 41 16.23 -13.55 -20.82
CA ILE B 41 17.38 -13.32 -19.97
C ILE B 41 18.64 -13.53 -20.78
N PHE B 42 19.61 -12.63 -20.62
CA PHE B 42 20.93 -12.83 -21.20
C PHE B 42 21.98 -12.23 -20.28
N LYS B 43 23.14 -12.89 -20.26
CA LYS B 43 24.28 -12.41 -19.51
C LYS B 43 24.95 -11.27 -20.27
N PHE B 44 25.40 -10.26 -19.53
CA PHE B 44 26.15 -9.15 -20.09
C PHE B 44 27.40 -8.96 -19.25
N GLU B 45 28.57 -9.08 -19.88
CA GLU B 45 29.84 -8.99 -19.19
C GLU B 45 30.64 -7.82 -19.71
N ALA B 46 31.35 -7.17 -18.81
CA ALA B 46 32.33 -6.14 -19.12
C ALA B 46 33.51 -6.40 -18.19
N PRO B 47 34.69 -5.80 -18.42
CA PRO B 47 35.80 -5.98 -17.48
C PRO B 47 35.42 -5.62 -16.06
N GLY B 48 35.49 -6.59 -15.15
CA GLY B 48 35.13 -6.36 -13.77
C GLY B 48 33.65 -6.26 -13.48
N ARG B 49 32.79 -6.76 -14.37
CA ARG B 49 31.35 -6.59 -14.23
C ARG B 49 30.62 -7.76 -14.87
N VAL B 50 29.63 -8.29 -14.16
CA VAL B 50 28.71 -9.29 -14.70
C VAL B 50 27.31 -8.91 -14.26
N THR B 51 26.39 -8.86 -15.21
CA THR B 51 24.98 -8.67 -14.88
C THR B 51 24.12 -9.47 -15.85
N ARG B 52 22.83 -9.53 -15.56
CA ARG B 52 21.87 -10.32 -16.33
C ARG B 52 20.67 -9.44 -16.60
N TYR B 53 20.33 -9.26 -17.87
CA TYR B 53 19.23 -8.40 -18.27
C TYR B 53 17.95 -9.23 -18.37
N LEU B 54 16.92 -8.83 -17.63
CA LEU B 54 15.65 -9.53 -17.60
C LEU B 54 14.62 -8.77 -18.43
N SER B 55 13.80 -9.51 -19.18
CA SER B 55 12.82 -8.91 -20.07
C SER B 55 11.42 -9.50 -19.98
N SER B 56 11.24 -10.61 -19.26
CA SER B 56 9.92 -11.25 -19.17
C SER B 56 9.30 -10.99 -17.82
N GLN B 57 7.97 -10.83 -17.81
CA GLN B 57 7.24 -10.74 -16.54
C GLN B 57 7.43 -11.99 -15.70
N ARG B 58 7.65 -13.14 -16.35
CA ARG B 58 7.84 -14.40 -15.63
C ARG B 58 9.02 -14.30 -14.67
N LEU B 59 10.14 -13.77 -15.13
CA LEU B 59 11.33 -13.64 -14.29
C LEU B 59 11.33 -12.37 -13.47
N ILE B 60 10.79 -11.27 -14.01
CA ILE B 60 10.83 -9.99 -13.31
C ILE B 60 9.92 -10.01 -12.08
N LYS B 61 8.82 -10.77 -12.13
CA LYS B 61 7.98 -10.86 -10.94
C LYS B 61 8.71 -11.52 -9.78
N GLU B 62 9.66 -12.41 -10.07
CA GLU B 62 10.50 -12.98 -9.02
C GLU B 62 11.56 -11.97 -8.58
N ALA B 63 12.16 -11.25 -9.53
CA ALA B 63 13.16 -10.24 -9.17
C ALA B 63 12.58 -9.16 -8.28
N CYS B 64 11.28 -8.91 -8.37
CA CYS B 64 10.63 -7.90 -7.54
C CYS B 64 10.26 -8.44 -6.16
N ASP B 65 10.63 -9.67 -5.83
CA ASP B 65 10.46 -10.20 -4.49
C ASP B 65 11.51 -9.55 -3.58
N GLU B 66 11.07 -8.62 -2.74
CA GLU B 66 11.99 -7.89 -1.88
C GLU B 66 12.63 -8.77 -0.81
N SER B 67 12.06 -9.93 -0.51
CA SER B 67 12.73 -10.85 0.42
C SER B 67 13.95 -11.49 -0.22
N ARG B 68 14.04 -11.51 -1.54
CA ARG B 68 15.14 -12.15 -2.26
C ARG B 68 16.06 -11.16 -2.96
N PHE B 69 15.57 -9.98 -3.33
CA PHE B 69 16.38 -9.03 -4.07
C PHE B 69 16.17 -7.62 -3.52
N ASP B 70 17.26 -6.86 -3.48
CA ASP B 70 17.29 -5.48 -3.03
C ASP B 70 17.82 -4.61 -4.17
N LYS B 71 17.59 -3.31 -4.08
CA LYS B 71 18.08 -2.39 -5.10
C LYS B 71 19.60 -2.38 -5.14
N ASN B 72 20.15 -2.48 -6.34
CA ASN B 72 21.58 -2.32 -6.58
C ASN B 72 21.81 -0.98 -7.27
N LEU B 73 22.94 -0.35 -6.96
CA LEU B 73 23.37 0.82 -7.71
C LEU B 73 24.04 0.34 -9.00
N SER B 74 23.37 0.54 -10.13
CA SER B 74 23.99 0.32 -11.42
C SER B 74 25.23 1.21 -11.57
N GLN B 75 26.03 0.94 -12.60
CA GLN B 75 27.17 1.80 -12.85
C GLN B 75 26.72 3.23 -13.14
N ALA B 76 25.59 3.38 -13.84
CA ALA B 76 25.02 4.71 -14.06
C ALA B 76 24.71 5.41 -12.74
N LEU B 77 24.00 4.72 -11.84
CA LEU B 77 23.67 5.34 -10.56
C LEU B 77 24.90 5.62 -9.72
N LYS B 78 25.91 4.76 -9.82
CA LYS B 78 27.16 4.99 -9.09
C LYS B 78 27.84 6.27 -9.55
N PHE B 79 27.83 6.53 -10.86
CA PHE B 79 28.42 7.76 -11.39
C PHE B 79 27.54 8.96 -11.07
N VAL B 80 26.22 8.78 -11.06
CA VAL B 80 25.32 9.87 -10.67
C VAL B 80 25.50 10.20 -9.18
N ARG B 81 25.81 9.19 -8.36
CA ARG B 81 26.05 9.42 -6.93
C ARG B 81 27.17 10.42 -6.69
N ASP B 82 28.08 10.59 -7.64
CA ASP B 82 29.17 11.56 -7.46
C ASP B 82 28.65 12.98 -7.34
N PHE B 83 27.44 13.26 -7.77
CA PHE B 83 26.80 14.54 -7.49
C PHE B 83 25.44 14.43 -6.81
N ALA B 84 24.77 13.29 -6.86
CA ALA B 84 23.53 13.10 -6.13
C ALA B 84 23.75 12.61 -4.70
N GLY B 85 24.98 12.25 -4.35
CA GLY B 85 25.37 11.86 -3.02
C GLY B 85 24.51 10.72 -2.50
N ASP B 86 24.24 10.73 -1.20
CA ASP B 86 23.32 9.76 -0.61
C ASP B 86 21.89 10.27 -0.56
N GLY B 87 21.47 11.01 -1.59
CA GLY B 87 20.07 11.24 -1.83
C GLY B 87 19.33 9.94 -2.06
N LEU B 88 18.01 10.03 -2.13
CA LEU B 88 17.17 8.84 -2.09
C LEU B 88 17.46 7.89 -3.25
N ALA B 89 17.70 8.43 -4.44
CA ALA B 89 17.83 7.59 -5.64
C ALA B 89 19.19 6.91 -5.76
N THR B 90 20.23 7.47 -5.14
CA THR B 90 21.57 6.92 -5.28
C THR B 90 22.12 6.39 -3.96
N SER B 91 21.24 6.08 -3.01
CA SER B 91 21.67 5.48 -1.77
CA SER B 91 21.58 5.49 -1.72
C SER B 91 21.30 4.00 -1.72
N TRP B 92 22.12 3.25 -0.99
CA TRP B 92 21.80 1.84 -0.75
C TRP B 92 20.74 1.76 0.35
N THR B 93 19.93 0.70 0.30
CA THR B 93 18.83 0.56 1.24
C THR B 93 19.34 0.49 2.68
N HIS B 94 20.55 0.00 2.90
CA HIS B 94 21.11 -0.16 4.23
C HIS B 94 21.82 1.09 4.75
N GLU B 95 21.93 2.14 3.95
CA GLU B 95 22.50 3.38 4.44
C GLU B 95 21.49 4.10 5.33
N LYS B 96 21.97 4.58 6.48
CA LYS B 96 21.09 5.24 7.45
C LYS B 96 20.29 6.36 6.81
N ASN B 97 20.91 7.11 5.89
CA ASN B 97 20.24 8.26 5.31
C ASN B 97 19.16 7.88 4.31
N TRP B 98 19.14 6.64 3.81
CA TRP B 98 18.02 6.26 2.93
C TRP B 98 16.74 6.16 3.72
N LYS B 99 16.70 5.28 4.73
CA LYS B 99 15.46 5.07 5.48
C LYS B 99 15.04 6.35 6.20
N LYS B 100 16.01 7.12 6.66
CA LYS B 100 15.74 8.39 7.34
C LYS B 100 15.02 9.36 6.42
N ALA B 101 15.59 9.61 5.23
CA ALA B 101 14.97 10.54 4.28
C ALA B 101 13.67 9.98 3.73
N HIS B 102 13.61 8.66 3.54
CA HIS B 102 12.39 8.00 3.10
C HIS B 102 11.24 8.26 4.06
N ASN B 103 11.46 8.04 5.35
CA ASN B 103 10.40 8.26 6.34
C ASN B 103 9.99 9.74 6.37
N ILE B 104 10.95 10.64 6.25
CA ILE B 104 10.65 12.08 6.33
C ILE B 104 9.94 12.57 5.09
N LEU B 105 10.35 12.11 3.91
CA LEU B 105 9.87 12.68 2.66
C LEU B 105 8.59 12.04 2.15
N LEU B 106 8.30 10.80 2.57
CA LEU B 106 7.11 10.10 2.09
C LEU B 106 5.82 10.89 2.30
N PRO B 107 5.55 11.52 3.45
CA PRO B 107 4.30 12.30 3.56
C PRO B 107 4.26 13.51 2.65
N SER B 108 5.41 14.08 2.27
CA SER B 108 5.42 15.24 1.39
C SER B 108 5.29 14.86 -0.08
N PHE B 109 5.26 13.57 -0.40
CA PHE B 109 5.08 13.10 -1.77
C PHE B 109 3.77 12.34 -1.94
N SER B 110 2.92 12.30 -0.92
CA SER B 110 1.69 11.53 -0.95
C SER B 110 0.70 12.17 -1.91
N GLN B 111 -0.36 11.41 -2.23
CA GLN B 111 -1.46 11.98 -3.00
C GLN B 111 -2.07 13.18 -2.29
N GLN B 112 -2.17 13.13 -0.96
CA GLN B 112 -2.70 14.26 -0.20
C GLN B 112 -1.80 15.49 -0.29
N ALA B 113 -0.48 15.29 -0.38
CA ALA B 113 0.43 16.42 -0.47
C ALA B 113 0.34 17.13 -1.81
N MET B 114 -0.16 16.44 -2.85
CA MET B 114 -0.31 17.08 -4.15
C MET B 114 -1.30 18.23 -4.11
N LYS B 115 -2.26 18.19 -3.18
CA LYS B 115 -3.19 19.29 -3.02
C LYS B 115 -2.46 20.59 -2.71
N GLY B 116 -1.37 20.51 -1.94
CA GLY B 116 -0.61 21.71 -1.61
C GLY B 116 0.33 22.16 -2.69
N TYR B 117 0.78 21.25 -3.56
CA TYR B 117 1.64 21.61 -4.67
C TYR B 117 0.84 22.09 -5.88
N HIS B 118 -0.49 21.90 -5.88
CA HIS B 118 -1.27 22.05 -7.10
C HIS B 118 -1.18 23.47 -7.65
N ALA B 119 -1.23 24.47 -6.76
CA ALA B 119 -1.23 25.86 -7.22
C ALA B 119 0.08 26.21 -7.93
N MET B 120 1.20 25.70 -7.43
CA MET B 120 2.48 25.97 -8.08
C MET B 120 2.60 25.24 -9.42
N MET B 121 2.07 24.01 -9.50
CA MET B 121 2.05 23.32 -10.78
C MET B 121 1.20 24.09 -11.78
N VAL B 122 0.06 24.63 -11.34
CA VAL B 122 -0.79 25.40 -12.23
C VAL B 122 -0.06 26.65 -12.71
N ASP B 123 0.72 27.26 -11.82
CA ASP B 123 1.50 28.45 -12.18
C ASP B 123 2.36 28.20 -13.42
N ILE B 124 3.16 27.13 -13.39
CA ILE B 124 4.04 26.85 -14.51
C ILE B 124 3.25 26.35 -15.72
N ALA B 125 2.21 25.54 -15.47
CA ALA B 125 1.39 25.03 -16.58
C ALA B 125 0.73 26.17 -17.35
N VAL B 126 0.29 27.21 -16.64
CA VAL B 126 -0.30 28.37 -17.30
C VAL B 126 0.73 29.08 -18.17
N GLN B 127 1.97 29.18 -17.68
CA GLN B 127 3.04 29.78 -18.48
C GLN B 127 3.26 29.01 -19.77
N LEU B 128 3.20 27.68 -19.72
CA LEU B 128 3.34 26.88 -20.93
C LEU B 128 2.20 27.15 -21.90
N VAL B 129 0.96 27.14 -21.40
CA VAL B 129 -0.19 27.40 -22.26
C VAL B 129 -0.10 28.80 -22.87
N GLN B 130 0.31 29.78 -22.07
CA GLN B 130 0.40 31.15 -22.57
C GLN B 130 1.50 31.29 -23.62
N LYS B 131 2.62 30.60 -23.45
CA LYS B 131 3.64 30.59 -24.50
C LYS B 131 3.05 30.10 -25.82
N TRP B 132 2.31 29.00 -25.78
CA TRP B 132 1.76 28.43 -27.00
C TRP B 132 0.64 29.32 -27.56
N GLU B 133 -0.14 29.97 -26.70
CA GLU B 133 -1.14 30.90 -27.18
C GLU B 133 -0.52 32.09 -27.91
N ARG B 134 0.72 32.42 -27.57
CA ARG B 134 1.38 33.62 -28.10
C ARG B 134 2.25 33.33 -29.31
N LEU B 135 2.28 32.09 -29.78
CA LEU B 135 3.01 31.80 -31.01
C LEU B 135 2.30 32.40 -32.21
N ASN B 136 3.07 32.77 -33.20
CA ASN B 136 2.51 33.29 -34.44
C ASN B 136 2.11 32.14 -35.36
N ALA B 137 1.31 32.47 -36.37
CA ALA B 137 0.90 31.47 -37.35
C ALA B 137 2.11 30.84 -38.00
N ASP B 138 2.04 29.52 -38.21
CA ASP B 138 3.06 28.71 -38.86
C ASP B 138 4.36 28.64 -38.08
N GLU B 139 4.45 29.25 -36.90
CA GLU B 139 5.48 28.84 -35.95
C GLU B 139 5.09 27.49 -35.34
N HIS B 140 6.09 26.77 -34.84
CA HIS B 140 5.84 25.44 -34.29
C HIS B 140 6.40 25.34 -32.89
N ILE B 141 6.09 24.21 -32.25
CA ILE B 141 6.48 23.92 -30.88
C ILE B 141 7.57 22.85 -30.90
N GLU B 142 8.63 23.08 -30.15
CA GLU B 142 9.64 22.05 -29.89
C GLU B 142 9.23 21.37 -28.60
N VAL B 143 8.66 20.16 -28.72
CA VAL B 143 7.89 19.57 -27.63
C VAL B 143 8.79 19.17 -26.46
N PRO B 144 9.79 18.30 -26.62
CA PRO B 144 10.61 17.95 -25.44
C PRO B 144 11.30 19.15 -24.82
N GLU B 145 11.68 20.14 -25.63
CA GLU B 145 12.29 21.35 -25.09
C GLU B 145 11.33 22.08 -24.16
N ASP B 146 10.08 22.27 -24.60
CA ASP B 146 9.11 22.99 -23.77
C ASP B 146 8.67 22.16 -22.57
N MET B 147 8.54 20.84 -22.73
CA MET B 147 8.17 20.01 -21.59
C MET B 147 9.24 20.05 -20.51
N THR B 148 10.52 20.09 -20.91
CA THR B 148 11.60 20.15 -19.95
C THR B 148 11.63 21.49 -19.22
N ARG B 149 11.34 22.57 -19.95
CA ARG B 149 11.14 23.87 -19.29
C ARG B 149 10.08 23.77 -18.20
N LEU B 150 8.97 23.09 -18.51
CA LEU B 150 7.86 23.01 -17.57
C LEU B 150 8.22 22.18 -16.34
N THR B 151 8.76 20.97 -16.55
CA THR B 151 9.00 20.09 -15.40
C THR B 151 10.11 20.62 -14.52
N LEU B 152 11.16 21.19 -15.13
CA LEU B 152 12.25 21.77 -14.36
C LEU B 152 11.77 22.94 -13.50
N ASP B 153 10.96 23.83 -14.09
CA ASP B 153 10.43 24.95 -13.32
C ASP B 153 9.46 24.48 -12.23
N THR B 154 8.68 23.43 -12.53
CA THR B 154 7.72 22.94 -11.55
C THR B 154 8.44 22.34 -10.34
N ILE B 155 9.50 21.56 -10.57
CA ILE B 155 10.22 20.97 -9.44
C ILE B 155 11.01 22.04 -8.69
N GLY B 156 11.53 23.05 -9.38
CA GLY B 156 12.18 24.15 -8.70
C GLY B 156 11.23 24.88 -7.76
N LEU B 157 10.00 25.12 -8.23
CA LEU B 157 9.04 25.87 -7.43
C LEU B 157 8.51 25.03 -6.27
N CYS B 158 8.09 23.80 -6.57
CA CYS B 158 7.59 22.92 -5.52
C CYS B 158 8.71 22.40 -4.62
N GLY B 159 9.93 22.30 -5.16
CA GLY B 159 11.02 21.74 -4.39
C GLY B 159 11.61 22.69 -3.39
N PHE B 160 11.90 23.93 -3.82
CA PHE B 160 12.52 24.89 -2.90
C PHE B 160 12.15 26.33 -3.25
N ASN B 161 10.96 26.53 -3.84
CA ASN B 161 10.39 27.86 -4.06
C ASN B 161 11.34 28.74 -4.86
N TYR B 162 12.00 28.14 -5.85
CA TYR B 162 12.94 28.84 -6.71
C TYR B 162 12.44 28.79 -8.14
N ARG B 163 12.52 29.92 -8.83
CA ARG B 163 12.03 30.05 -10.20
C ARG B 163 13.22 30.05 -11.15
N PHE B 164 13.41 28.94 -11.88
CA PHE B 164 14.40 28.93 -12.94
C PHE B 164 13.98 29.81 -14.10
N ASN B 165 12.69 30.12 -14.22
CA ASN B 165 12.16 31.03 -15.23
C ASN B 165 12.57 30.57 -16.63
N SER B 166 12.39 29.26 -16.88
CA SER B 166 12.86 28.66 -18.12
C SER B 166 12.12 29.19 -19.34
N PHE B 167 10.87 29.64 -19.17
CA PHE B 167 10.12 30.18 -20.28
C PHE B 167 10.51 31.61 -20.62
N TYR B 168 11.47 32.18 -19.90
CA TYR B 168 12.04 33.49 -20.21
C TYR B 168 13.41 33.39 -20.85
N ARG B 169 13.84 32.20 -21.24
CA ARG B 169 15.25 31.96 -21.56
C ARG B 169 15.39 31.13 -22.82
N ASP B 170 16.47 31.41 -23.55
CA ASP B 170 16.99 30.50 -24.57
C ASP B 170 18.05 29.57 -23.98
N GLN B 171 19.04 30.15 -23.29
CA GLN B 171 20.07 29.42 -22.57
C GLN B 171 19.60 29.09 -21.17
N PRO B 172 19.67 27.83 -20.74
CA PRO B 172 19.15 27.46 -19.43
C PRO B 172 19.91 28.11 -18.28
N HIS B 173 19.25 28.13 -17.13
CA HIS B 173 19.86 28.58 -15.90
C HIS B 173 21.19 27.86 -15.68
N PRO B 174 22.23 28.55 -15.18
CA PRO B 174 23.55 27.91 -15.02
C PRO B 174 23.53 26.58 -14.27
N PHE B 175 22.66 26.42 -13.27
CA PHE B 175 22.57 25.15 -12.56
C PHE B 175 22.18 24.03 -13.52
N ILE B 176 21.22 24.31 -14.41
CA ILE B 176 20.74 23.31 -15.33
C ILE B 176 21.83 22.93 -16.33
N THR B 177 22.61 23.92 -16.78
CA THR B 177 23.72 23.63 -17.69
C THR B 177 24.72 22.67 -17.07
N SER B 178 25.07 22.89 -15.80
CA SER B 178 26.01 21.99 -15.13
C SER B 178 25.36 20.65 -14.82
N MET B 179 24.09 20.65 -14.44
CA MET B 179 23.39 19.40 -14.14
C MET B 179 23.32 18.52 -15.39
N VAL B 180 22.90 19.10 -16.52
CA VAL B 180 22.82 18.34 -17.76
C VAL B 180 24.20 17.83 -18.17
N ARG B 181 25.21 18.69 -18.04
CA ARG B 181 26.57 18.30 -18.42
C ARG B 181 27.15 17.25 -17.47
N ALA B 182 26.80 17.31 -16.19
CA ALA B 182 27.23 16.27 -15.26
C ALA B 182 26.55 14.94 -15.56
N LEU B 183 25.26 14.98 -15.91
CA LEU B 183 24.56 13.75 -16.28
C LEU B 183 25.15 13.15 -17.55
N ASP B 184 25.47 14.00 -18.53
CA ASP B 184 26.08 13.54 -19.77
C ASP B 184 27.41 12.85 -19.51
N GLU B 185 28.26 13.46 -18.67
CA GLU B 185 29.54 12.84 -18.35
C GLU B 185 29.36 11.51 -17.63
N ALA B 186 28.40 11.46 -16.69
CA ALA B 186 28.14 10.21 -15.97
C ALA B 186 27.78 9.09 -16.94
N MET B 187 26.89 9.38 -17.91
CA MET B 187 26.49 8.36 -18.87
C MET B 187 27.61 8.06 -19.87
N ASN B 188 28.38 9.08 -20.25
CA ASN B 188 29.50 8.86 -21.17
C ASN B 188 30.55 7.93 -20.57
N LYS B 189 30.76 7.99 -19.25
CA LYS B 189 31.74 7.14 -18.60
C LYS B 189 31.44 5.66 -18.82
N LEU B 190 30.16 5.31 -18.94
CA LEU B 190 29.79 3.89 -19.08
C LEU B 190 30.41 3.26 -20.30
N GLN B 191 30.25 3.88 -21.47
CA GLN B 191 30.72 3.33 -22.73
C GLN B 191 32.20 3.58 -22.97
N ARG B 192 32.93 4.04 -21.97
CA ARG B 192 34.29 4.54 -22.16
C ARG B 192 35.32 3.42 -22.18
N ASP B 196 40.07 5.21 -18.58
CA ASP B 196 40.30 6.64 -18.42
C ASP B 196 41.75 7.01 -18.75
N ASP B 197 42.02 7.30 -20.02
CA ASP B 197 43.34 7.70 -20.45
C ASP B 197 43.53 9.19 -20.15
N PRO B 198 44.68 9.75 -20.49
CA PRO B 198 44.90 11.18 -20.22
C PRO B 198 43.97 12.10 -20.98
N ALA B 199 43.34 11.62 -22.06
CA ALA B 199 42.47 12.46 -22.86
C ALA B 199 41.21 12.90 -22.11
N TYR B 200 40.80 12.17 -21.09
CA TYR B 200 39.62 12.50 -20.31
C TYR B 200 39.93 13.44 -19.15
N ASP B 201 41.11 14.05 -19.13
CA ASP B 201 41.44 14.99 -18.06
C ASP B 201 40.53 16.21 -18.12
N GLU B 202 40.20 16.68 -19.33
CA GLU B 202 39.27 17.80 -19.46
C GLU B 202 37.87 17.41 -18.97
N ASN B 203 37.43 16.19 -19.30
CA ASN B 203 36.15 15.71 -18.79
C ASN B 203 36.14 15.69 -17.27
N LYS B 204 37.21 15.20 -16.66
CA LYS B 204 37.28 15.14 -15.20
C LYS B 204 37.27 16.53 -14.57
N ARG B 205 38.04 17.46 -15.15
CA ARG B 205 38.06 18.82 -14.62
C ARG B 205 36.71 19.49 -14.76
N GLN B 206 36.05 19.32 -15.92
CA GLN B 206 34.73 19.89 -16.11
C GLN B 206 33.71 19.25 -15.18
N PHE B 207 33.83 17.93 -14.97
CA PHE B 207 32.90 17.23 -14.08
C PHE B 207 32.93 17.81 -12.67
N GLN B 208 34.12 18.09 -12.14
CA GLN B 208 34.23 18.66 -10.81
C GLN B 208 33.74 20.11 -10.76
N GLU B 209 33.90 20.86 -11.85
CA GLU B 209 33.39 22.22 -11.89
C GLU B 209 31.87 22.23 -11.86
N ASP B 210 31.23 21.30 -12.56
CA ASP B 210 29.77 21.24 -12.57
C ASP B 210 29.24 20.80 -11.22
N ILE B 211 29.94 19.88 -10.55
CA ILE B 211 29.56 19.49 -9.20
C ILE B 211 29.58 20.70 -8.27
N LYS B 212 30.61 21.54 -8.38
CA LYS B 212 30.72 22.71 -7.51
C LYS B 212 29.61 23.71 -7.80
N VAL B 213 29.27 23.91 -9.08
CA VAL B 213 28.17 24.81 -9.43
C VAL B 213 26.87 24.34 -8.78
N MET B 214 26.61 23.04 -8.83
CA MET B 214 25.36 22.52 -8.27
C MET B 214 25.33 22.63 -6.75
N ASN B 215 26.42 22.22 -6.10
CA ASN B 215 26.49 22.31 -4.63
C ASN B 215 26.35 23.74 -4.16
N ASP B 216 27.07 24.67 -4.80
CA ASP B 216 27.10 26.06 -4.33
C ASP B 216 25.72 26.70 -4.38
N LEU B 217 25.00 26.53 -5.49
CA LEU B 217 23.67 27.13 -5.60
C LEU B 217 22.71 26.52 -4.58
N VAL B 218 22.68 25.19 -4.49
CA VAL B 218 21.74 24.53 -3.59
C VAL B 218 22.09 24.83 -2.13
N ASP B 219 23.39 24.78 -1.79
CA ASP B 219 23.78 25.12 -0.41
C ASP B 219 23.42 26.56 -0.08
N LYS B 220 23.52 27.46 -1.05
CA LYS B 220 23.14 28.86 -0.81
C LYS B 220 21.65 28.99 -0.55
N ILE B 221 20.83 28.26 -1.31
CA ILE B 221 19.38 28.35 -1.11
C ILE B 221 18.99 27.81 0.26
N ILE B 222 19.60 26.70 0.67
CA ILE B 222 19.36 26.17 2.02
C ILE B 222 19.77 27.20 3.07
N ALA B 223 20.97 27.76 2.94
CA ALA B 223 21.43 28.78 3.88
C ALA B 223 20.52 30.01 3.84
N ASP B 224 20.12 30.44 2.65
CA ASP B 224 19.20 31.58 2.54
C ASP B 224 17.89 31.30 3.25
N ARG B 225 17.37 30.08 3.12
CA ARG B 225 16.09 29.76 3.75
C ARG B 225 16.19 29.73 5.26
N LYS B 226 17.28 29.16 5.80
CA LYS B 226 17.43 29.12 7.25
C LYS B 226 17.62 30.51 7.83
N ALA B 227 18.38 31.37 7.15
CA ALA B 227 18.60 32.74 7.61
C ALA B 227 17.31 33.54 7.63
N SER B 228 16.46 33.36 6.61
CA SER B 228 15.20 34.10 6.56
C SER B 228 14.20 33.58 7.58
N GLY B 229 14.10 32.26 7.72
CA GLY B 229 13.12 31.62 8.56
C GLY B 229 11.73 31.51 7.96
N GLU B 230 11.54 31.87 6.69
CA GLU B 230 10.20 31.83 6.14
C GLU B 230 9.81 30.38 5.81
N GLN B 231 8.51 30.13 5.88
CA GLN B 231 7.92 28.83 5.61
C GLN B 231 7.15 28.88 4.30
N SER B 232 7.37 27.89 3.44
CA SER B 232 6.63 27.75 2.20
C SER B 232 5.97 26.38 2.15
N ASP B 233 5.25 26.13 1.05
CA ASP B 233 4.65 24.82 0.79
C ASP B 233 5.55 23.95 -0.07
N ASP B 234 6.85 24.03 0.14
CA ASP B 234 7.82 23.34 -0.70
C ASP B 234 8.51 22.23 0.09
N LEU B 235 9.21 21.38 -0.65
CA LEU B 235 9.91 20.25 -0.04
C LEU B 235 11.03 20.69 0.88
N LEU B 236 11.67 21.83 0.59
CA LEU B 236 12.75 22.30 1.45
C LEU B 236 12.25 22.63 2.85
N THR B 237 11.09 23.28 2.96
CA THR B 237 10.53 23.58 4.27
C THR B 237 10.26 22.31 5.05
N HIS B 238 9.68 21.30 4.40
CA HIS B 238 9.42 20.03 5.07
C HIS B 238 10.71 19.37 5.55
N MET B 239 11.79 19.50 4.77
CA MET B 239 13.05 18.87 5.16
C MET B 239 13.75 19.63 6.27
N LEU B 240 13.58 20.94 6.34
CA LEU B 240 14.19 21.71 7.42
C LEU B 240 13.48 21.47 8.75
N ASN B 241 12.18 21.17 8.71
CA ASN B 241 11.39 21.00 9.91
C ASN B 241 11.07 19.55 10.25
N GLY B 242 11.16 18.64 9.29
CA GLY B 242 10.75 17.27 9.52
C GLY B 242 11.77 16.48 10.32
N LYS B 243 11.26 15.53 11.10
CA LYS B 243 12.10 14.61 11.85
C LYS B 243 11.68 13.18 11.56
N ASP B 244 12.66 12.31 11.39
CA ASP B 244 12.41 10.90 11.17
C ASP B 244 11.73 10.29 12.39
N PRO B 245 10.52 9.75 12.28
CA PRO B 245 9.87 9.15 13.45
C PRO B 245 10.68 8.03 14.07
N GLU B 246 11.45 7.28 13.27
CA GLU B 246 12.22 6.17 13.81
C GLU B 246 13.39 6.65 14.67
N THR B 247 14.35 7.34 14.05
CA THR B 247 15.53 7.82 14.78
C THR B 247 15.25 9.08 15.58
N GLY B 248 14.17 9.81 15.27
CA GLY B 248 13.94 11.10 15.86
C GLY B 248 14.80 12.22 15.30
N GLU B 249 15.65 11.94 14.28
CA GLU B 249 16.61 12.88 13.75
C GLU B 249 16.07 13.57 12.51
N PRO B 250 16.44 14.84 12.30
CA PRO B 250 16.22 15.49 11.01
C PRO B 250 17.36 15.22 10.04
N LEU B 251 17.08 15.44 8.76
CA LEU B 251 18.14 15.40 7.76
C LEU B 251 19.11 16.55 7.99
N ASP B 252 20.40 16.28 7.81
CA ASP B 252 21.37 17.37 7.90
C ASP B 252 21.40 18.16 6.58
N ASP B 253 22.06 19.33 6.63
CA ASP B 253 22.03 20.23 5.50
C ASP B 253 22.68 19.63 4.26
N GLU B 254 23.71 18.80 4.44
CA GLU B 254 24.34 18.17 3.27
C GLU B 254 23.38 17.22 2.57
N ASN B 255 22.67 16.39 3.34
CA ASN B 255 21.73 15.46 2.71
C ASN B 255 20.56 16.21 2.08
N ILE B 256 20.07 17.28 2.72
CA ILE B 256 19.00 18.08 2.12
C ILE B 256 19.44 18.59 0.75
N ARG B 257 20.71 19.02 0.64
CA ARG B 257 21.24 19.44 -0.66
C ARG B 257 21.18 18.30 -1.67
N TYR B 258 21.58 17.10 -1.25
CA TYR B 258 21.56 15.96 -2.17
C TYR B 258 20.13 15.59 -2.56
N GLN B 259 19.17 15.74 -1.63
CA GLN B 259 17.78 15.45 -1.99
C GLN B 259 17.25 16.42 -3.02
N ILE B 260 17.55 17.72 -2.87
CA ILE B 260 17.10 18.72 -3.83
C ILE B 260 17.74 18.46 -5.19
N ILE B 261 19.05 18.22 -5.21
CA ILE B 261 19.73 17.87 -6.46
C ILE B 261 19.09 16.63 -7.08
N THR B 262 18.73 15.65 -6.25
CA THR B 262 18.12 14.42 -6.75
C THR B 262 16.76 14.69 -7.39
N PHE B 263 15.93 15.50 -6.73
CA PHE B 263 14.62 15.82 -7.29
C PHE B 263 14.75 16.41 -8.70
N LEU B 264 15.68 17.32 -8.86
CA LEU B 264 15.92 17.95 -10.17
C LEU B 264 16.48 16.94 -11.18
N ILE B 265 17.46 16.14 -10.80
CA ILE B 265 18.07 15.13 -11.70
C ILE B 265 17.14 13.95 -12.02
N ALA B 266 16.52 13.40 -10.98
CA ALA B 266 15.72 12.17 -11.10
C ALA B 266 14.30 12.47 -11.59
N GLY B 267 13.81 13.65 -11.32
CA GLY B 267 12.42 13.95 -11.62
C GLY B 267 12.14 14.65 -12.94
N HIS B 268 13.02 15.57 -13.37
CA HIS B 268 12.66 16.48 -14.45
C HIS B 268 12.63 15.77 -15.80
N GLU B 269 13.62 14.92 -16.08
CA GLU B 269 13.79 14.39 -17.44
C GLU B 269 12.84 13.24 -17.72
N VAL B 270 12.67 12.37 -16.76
CA VAL B 270 11.67 11.30 -16.89
C VAL B 270 10.30 11.92 -17.11
N THR B 271 9.97 12.98 -16.37
CA THR B 271 8.63 13.54 -16.45
C THR B 271 8.41 14.28 -17.76
N SER B 272 9.41 15.05 -18.21
CA SER B 272 9.26 15.73 -19.49
C SER B 272 9.24 14.75 -20.64
N GLY B 273 10.03 13.67 -20.55
CA GLY B 273 9.96 12.62 -21.55
C GLY B 273 8.60 11.99 -21.64
N LEU B 274 7.97 11.73 -20.48
CA LEU B 274 6.63 11.16 -20.46
C LEU B 274 5.64 12.06 -21.20
N LEU B 275 5.65 13.36 -20.89
CA LEU B 275 4.74 14.28 -21.56
C LEU B 275 5.02 14.33 -23.06
N SER B 276 6.30 14.31 -23.45
CA SER B 276 6.63 14.36 -24.87
C SER B 276 6.21 13.08 -25.58
N PHE B 277 6.46 11.92 -24.97
CA PHE B 277 6.01 10.66 -25.57
C PHE B 277 4.49 10.59 -25.64
N ALA B 278 3.81 11.07 -24.59
CA ALA B 278 2.35 11.02 -24.58
C ALA B 278 1.77 11.87 -25.70
N LEU B 279 2.29 13.08 -25.90
CA LEU B 279 1.80 13.92 -26.99
C LEU B 279 2.14 13.30 -28.34
N TYR B 280 3.32 12.67 -28.46
CA TYR B 280 3.67 11.96 -29.67
C TYR B 280 2.64 10.88 -30.00
N PHE B 281 2.34 10.01 -29.02
CA PHE B 281 1.39 8.94 -29.29
C PHE B 281 0.00 9.49 -29.57
N LEU B 282 -0.38 10.60 -28.91
CA LEU B 282 -1.70 11.18 -29.16
C LEU B 282 -1.83 11.68 -30.59
N VAL B 283 -0.83 12.41 -31.09
CA VAL B 283 -0.91 12.92 -32.46
C VAL B 283 -0.75 11.80 -33.48
N LYS B 284 -0.09 10.71 -33.13
CA LYS B 284 0.01 9.55 -34.00
C LYS B 284 -1.24 8.67 -33.95
N ASN B 285 -2.18 8.95 -33.04
CA ASN B 285 -3.39 8.14 -32.87
C ASN B 285 -4.57 9.08 -32.69
N PRO B 286 -5.07 9.64 -33.80
CA PRO B 286 -6.08 10.70 -33.70
C PRO B 286 -7.36 10.32 -32.95
N HIS B 287 -7.79 9.06 -33.03
CA HIS B 287 -8.99 8.67 -32.28
C HIS B 287 -8.73 8.73 -30.77
N VAL B 288 -7.54 8.30 -30.34
CA VAL B 288 -7.18 8.40 -28.93
C VAL B 288 -7.08 9.86 -28.52
N LEU B 289 -6.47 10.69 -29.36
CA LEU B 289 -6.39 12.12 -29.07
C LEU B 289 -7.78 12.71 -28.87
N GLN B 290 -8.72 12.37 -29.75
CA GLN B 290 -10.07 12.92 -29.64
C GLN B 290 -10.75 12.50 -28.34
N LYS B 291 -10.57 11.24 -27.94
CA LYS B 291 -11.18 10.77 -26.69
C LYS B 291 -10.60 11.52 -25.49
N ALA B 292 -9.28 11.71 -25.47
CA ALA B 292 -8.66 12.45 -24.38
C ALA B 292 -9.07 13.91 -24.40
N ALA B 293 -9.17 14.51 -25.59
CA ALA B 293 -9.58 15.91 -25.67
C ALA B 293 -11.05 16.08 -25.28
N GLU B 294 -11.89 15.08 -25.59
CA GLU B 294 -13.28 15.14 -25.14
C GLU B 294 -13.37 15.12 -23.62
N GLU B 295 -12.55 14.29 -22.97
CA GLU B 295 -12.54 14.27 -21.51
C GLU B 295 -12.06 15.59 -20.92
N ALA B 296 -11.00 16.18 -21.50
CA ALA B 296 -10.47 17.43 -20.98
C ALA B 296 -11.52 18.54 -21.04
N ALA B 297 -12.28 18.61 -22.12
CA ALA B 297 -13.30 19.65 -22.24
C ALA B 297 -14.45 19.40 -21.26
N ARG B 298 -14.80 18.14 -21.03
CA ARG B 298 -15.91 17.85 -20.12
C ARG B 298 -15.52 18.10 -18.68
N VAL B 299 -14.28 17.78 -18.30
CA VAL B 299 -13.86 17.86 -16.91
C VAL B 299 -13.37 19.24 -16.54
N LEU B 300 -12.54 19.86 -17.38
CA LEU B 300 -11.89 21.12 -17.04
C LEU B 300 -12.79 22.30 -17.42
N VAL B 301 -13.86 22.45 -16.62
CA VAL B 301 -14.88 23.47 -16.89
C VAL B 301 -14.53 24.84 -16.34
N ASP B 302 -13.44 24.97 -15.59
CA ASP B 302 -13.03 26.23 -15.00
C ASP B 302 -11.81 26.80 -15.70
N PRO B 303 -11.58 28.11 -15.63
CA PRO B 303 -10.39 28.68 -16.26
C PRO B 303 -9.10 28.06 -15.76
N VAL B 304 -9.08 27.68 -14.49
CA VAL B 304 -7.92 27.06 -13.85
C VAL B 304 -8.36 25.68 -13.35
N PRO B 305 -7.65 24.61 -13.71
CA PRO B 305 -8.04 23.28 -13.19
C PRO B 305 -7.85 23.22 -11.68
N SER B 306 -8.77 22.54 -11.02
CA SER B 306 -8.65 22.26 -9.59
C SER B 306 -7.97 20.91 -9.39
N TYR B 307 -7.50 20.69 -8.15
CA TYR B 307 -6.94 19.40 -7.80
C TYR B 307 -7.95 18.28 -8.06
N LYS B 308 -9.19 18.48 -7.61
CA LYS B 308 -10.22 17.46 -7.79
C LYS B 308 -10.49 17.18 -9.26
N GLN B 309 -10.41 18.22 -10.10
CA GLN B 309 -10.66 18.03 -11.53
C GLN B 309 -9.55 17.18 -12.18
N VAL B 310 -8.30 17.38 -11.76
CA VAL B 310 -7.21 16.58 -12.31
C VAL B 310 -7.42 15.10 -11.99
N LYS B 311 -7.86 14.81 -10.75
CA LYS B 311 -8.15 13.44 -10.38
C LYS B 311 -9.24 12.81 -11.24
N GLN B 312 -10.10 13.63 -11.85
CA GLN B 312 -11.17 13.11 -12.69
C GLN B 312 -10.75 12.90 -14.14
N LEU B 313 -9.53 13.28 -14.50
CA LEU B 313 -9.03 13.07 -15.86
C LEU B 313 -8.55 11.62 -15.99
N LYS B 314 -9.53 10.71 -15.94
CA LYS B 314 -9.25 9.28 -15.91
C LYS B 314 -8.55 8.82 -17.18
N TYR B 315 -9.11 9.17 -18.34
CA TYR B 315 -8.56 8.69 -19.59
C TYR B 315 -7.19 9.31 -19.87
N VAL B 316 -6.99 10.57 -19.49
CA VAL B 316 -5.66 11.17 -19.60
C VAL B 316 -4.65 10.37 -18.77
N GLY B 317 -5.07 9.91 -17.59
CA GLY B 317 -4.18 9.08 -16.78
C GLY B 317 -3.86 7.76 -17.44
N MET B 318 -4.84 7.17 -18.13
CA MET B 318 -4.57 5.95 -18.89
C MET B 318 -3.67 6.23 -20.08
N VAL B 319 -3.85 7.38 -20.73
CA VAL B 319 -2.93 7.78 -21.81
C VAL B 319 -1.51 7.84 -21.29
N LEU B 320 -1.31 8.47 -20.12
CA LEU B 320 0.04 8.58 -19.58
C LEU B 320 0.61 7.21 -19.23
N ASN B 321 -0.20 6.33 -18.65
CA ASN B 321 0.29 5.01 -18.29
C ASN B 321 0.66 4.19 -19.54
N GLU B 322 -0.12 4.33 -20.62
CA GLU B 322 0.21 3.62 -21.85
C GLU B 322 1.45 4.19 -22.50
N ALA B 323 1.65 5.51 -22.40
CA ALA B 323 2.91 6.10 -22.86
C ALA B 323 4.08 5.55 -22.07
N LEU B 324 3.90 5.40 -20.75
CA LEU B 324 4.93 4.80 -19.91
C LEU B 324 5.15 3.32 -20.23
N ARG B 325 4.11 2.62 -20.67
CA ARG B 325 4.30 1.23 -21.05
C ARG B 325 5.25 1.12 -22.23
N LEU B 326 4.96 1.86 -23.30
CA LEU B 326 5.77 1.74 -24.51
C LEU B 326 7.18 2.31 -24.31
N TRP B 327 7.30 3.47 -23.69
CA TRP B 327 8.60 4.11 -23.50
C TRP B 327 8.74 4.62 -22.07
N PRO B 328 8.96 3.70 -21.12
CA PRO B 328 9.25 4.11 -19.74
C PRO B 328 10.52 4.93 -19.69
N THR B 329 10.39 6.19 -19.28
CA THR B 329 11.47 7.15 -19.45
C THR B 329 12.63 6.90 -18.49
N ALA B 330 12.40 6.16 -17.41
CA ALA B 330 13.50 5.61 -16.63
C ALA B 330 13.62 4.15 -17.07
N PRO B 331 14.52 3.82 -17.99
CA PRO B 331 14.36 2.56 -18.75
C PRO B 331 14.85 1.31 -18.04
N ALA B 332 15.47 1.42 -16.87
CA ALA B 332 15.98 0.22 -16.21
C ALA B 332 16.16 0.48 -14.72
N PHE B 333 16.18 -0.60 -13.95
CA PHE B 333 16.69 -0.55 -12.59
C PHE B 333 17.44 -1.85 -12.30
N SER B 334 18.25 -1.81 -11.25
CA SER B 334 19.20 -2.87 -10.96
C SER B 334 18.89 -3.49 -9.59
N LEU B 335 19.18 -4.78 -9.47
CA LEU B 335 18.91 -5.53 -8.25
C LEU B 335 20.09 -6.45 -7.97
N TYR B 336 20.22 -6.86 -6.72
CA TYR B 336 21.16 -7.90 -6.35
C TYR B 336 20.48 -8.91 -5.46
N ALA B 337 20.93 -10.16 -5.54
CA ALA B 337 20.36 -11.24 -4.74
C ALA B 337 20.86 -11.11 -3.31
N LYS B 338 19.92 -11.03 -2.36
CA LYS B 338 20.28 -10.95 -0.95
C LYS B 338 20.91 -12.25 -0.47
N GLU B 339 20.48 -13.39 -1.01
CA GLU B 339 21.05 -14.69 -0.68
C GLU B 339 21.10 -15.53 -1.95
N ASP B 340 21.75 -16.68 -1.86
CA ASP B 340 21.65 -17.66 -2.93
C ASP B 340 20.18 -17.97 -3.21
N THR B 341 19.84 -18.02 -4.50
CA THR B 341 18.45 -18.23 -4.89
C THR B 341 18.44 -18.67 -6.35
N VAL B 342 17.31 -19.23 -6.75
CA VAL B 342 17.13 -19.78 -8.08
C VAL B 342 16.04 -18.98 -8.79
N LEU B 343 16.38 -18.38 -9.91
CA LEU B 343 15.46 -17.54 -10.66
C LEU B 343 14.72 -18.38 -11.69
N GLY B 344 13.39 -18.37 -11.63
CA GLY B 344 12.60 -19.07 -12.61
C GLY B 344 12.80 -20.57 -12.63
N GLY B 345 13.34 -21.14 -11.56
CA GLY B 345 13.57 -22.57 -11.48
C GLY B 345 14.66 -23.11 -12.38
N GLU B 346 15.47 -22.27 -13.01
CA GLU B 346 16.49 -22.78 -13.91
C GLU B 346 17.76 -21.93 -13.94
N TYR B 347 17.74 -20.75 -13.34
CA TYR B 347 18.90 -19.85 -13.33
C TYR B 347 19.38 -19.66 -11.89
N PRO B 348 20.29 -20.51 -11.41
CA PRO B 348 20.79 -20.35 -10.04
C PRO B 348 21.67 -19.12 -9.91
N LEU B 349 21.43 -18.37 -8.84
CA LEU B 349 22.15 -17.14 -8.56
C LEU B 349 22.82 -17.25 -7.21
N GLU B 350 24.02 -16.68 -7.10
CA GLU B 350 24.71 -16.60 -5.82
C GLU B 350 24.40 -15.26 -5.17
N LYS B 351 24.57 -15.22 -3.84
CA LYS B 351 24.44 -13.97 -3.11
C LYS B 351 25.31 -12.90 -3.75
N GLY B 352 24.73 -11.71 -3.94
CA GLY B 352 25.45 -10.61 -4.56
C GLY B 352 25.33 -10.54 -6.07
N ASP B 353 24.84 -11.58 -6.73
CA ASP B 353 24.68 -11.53 -8.18
C ASP B 353 23.71 -10.42 -8.57
N GLU B 354 24.00 -9.76 -9.70
CA GLU B 354 23.30 -8.57 -10.12
C GLU B 354 22.30 -8.88 -11.24
N LEU B 355 21.20 -8.12 -11.24
CA LEU B 355 20.19 -8.21 -12.28
C LEU B 355 19.87 -6.80 -12.78
N MET B 356 19.56 -6.71 -14.08
CA MET B 356 19.02 -5.47 -14.65
C MET B 356 17.62 -5.76 -15.18
N VAL B 357 16.68 -4.91 -14.84
CA VAL B 357 15.31 -5.02 -15.33
C VAL B 357 15.18 -4.07 -16.53
N LEU B 358 15.03 -4.64 -17.72
CA LEU B 358 14.92 -3.88 -18.96
C LEU B 358 13.45 -3.55 -19.16
N ILE B 359 13.04 -2.38 -18.64
CA ILE B 359 11.60 -2.08 -18.53
C ILE B 359 10.90 -2.02 -19.89
N PRO B 360 11.45 -1.36 -20.92
CA PRO B 360 10.73 -1.34 -22.20
C PRO B 360 10.48 -2.72 -22.77
N GLN B 361 11.36 -3.68 -22.51
CA GLN B 361 11.13 -5.05 -22.97
C GLN B 361 10.06 -5.75 -22.14
N LEU B 362 10.12 -5.59 -20.81
CA LEU B 362 9.07 -6.10 -19.94
C LEU B 362 7.70 -5.67 -20.43
N HIS B 363 7.56 -4.39 -20.76
CA HIS B 363 6.29 -3.83 -21.21
C HIS B 363 5.88 -4.28 -22.59
N ARG B 364 6.70 -5.08 -23.28
CA ARG B 364 6.36 -5.65 -24.57
C ARG B 364 6.18 -7.17 -24.49
N ASP B 365 6.01 -7.71 -23.29
CA ASP B 365 5.81 -9.15 -23.09
C ASP B 365 4.46 -9.55 -23.67
N LYS B 366 4.47 -10.24 -24.81
CA LYS B 366 3.21 -10.60 -25.47
C LYS B 366 2.36 -11.53 -24.62
N THR B 367 2.98 -12.32 -23.74
CA THR B 367 2.20 -13.19 -22.86
C THR B 367 1.37 -12.40 -21.87
N ILE B 368 1.67 -11.12 -21.68
CA ILE B 368 0.92 -10.26 -20.77
C ILE B 368 -0.06 -9.38 -21.53
N TRP B 369 0.42 -8.69 -22.56
CA TRP B 369 -0.37 -7.66 -23.22
C TRP B 369 -1.04 -8.13 -24.51
N GLY B 370 -0.76 -9.34 -24.97
CA GLY B 370 -1.30 -9.79 -26.23
C GLY B 370 -0.40 -9.46 -27.39
N ASP B 371 -0.90 -9.75 -28.59
CA ASP B 371 -0.07 -9.59 -29.79
C ASP B 371 0.09 -8.12 -30.20
N ASP B 372 -0.87 -7.26 -29.86
CA ASP B 372 -0.79 -5.86 -30.26
C ASP B 372 0.05 -5.01 -29.32
N VAL B 373 1.20 -5.53 -28.87
CA VAL B 373 2.01 -4.86 -27.87
C VAL B 373 2.48 -3.49 -28.33
N GLU B 374 2.70 -3.34 -29.64
CA GLU B 374 3.22 -2.08 -30.17
C GLU B 374 2.13 -1.05 -30.42
N GLU B 375 0.86 -1.40 -30.25
CA GLU B 375 -0.21 -0.45 -30.46
C GLU B 375 -0.42 0.40 -29.21
N PHE B 376 -0.77 1.67 -29.43
CA PHE B 376 -1.01 2.60 -28.33
C PHE B 376 -2.50 2.57 -28.01
N ARG B 377 -2.86 1.87 -26.93
CA ARG B 377 -4.25 1.70 -26.53
C ARG B 377 -4.36 1.92 -25.04
N PRO B 378 -4.66 3.15 -24.61
CA PRO B 378 -4.79 3.42 -23.16
C PRO B 378 -5.81 2.56 -22.47
N GLU B 379 -6.77 2.00 -23.21
CA GLU B 379 -7.81 1.15 -22.62
C GLU B 379 -7.25 -0.07 -21.92
N ARG B 380 -5.99 -0.43 -22.18
CA ARG B 380 -5.35 -1.53 -21.47
C ARG B 380 -5.36 -1.32 -19.95
N PHE B 381 -5.37 -0.07 -19.52
CA PHE B 381 -5.21 0.28 -18.11
C PHE B 381 -6.53 0.65 -17.44
N GLU B 382 -7.65 0.29 -18.06
CA GLU B 382 -8.94 0.63 -17.47
C GLU B 382 -9.14 -0.06 -16.12
N ASN B 383 -8.59 -1.27 -15.97
CA ASN B 383 -8.71 -2.03 -14.73
C ASN B 383 -7.36 -2.55 -14.23
N PRO B 384 -6.80 -1.94 -13.19
CA PRO B 384 -5.49 -2.42 -12.69
C PRO B 384 -5.53 -3.86 -12.22
N SER B 385 -6.69 -4.36 -11.79
CA SER B 385 -6.76 -5.74 -11.30
C SER B 385 -6.61 -6.76 -12.42
N ALA B 386 -6.85 -6.36 -13.68
CA ALA B 386 -6.70 -7.25 -14.82
C ALA B 386 -5.27 -7.33 -15.33
N ILE B 387 -4.36 -6.57 -14.75
CA ILE B 387 -2.95 -6.57 -15.14
C ILE B 387 -2.20 -7.49 -14.20
N PRO B 388 -1.49 -8.51 -14.70
CA PRO B 388 -0.77 -9.43 -13.81
C PRO B 388 0.27 -8.72 -12.96
N GLN B 389 0.67 -9.39 -11.89
CA GLN B 389 1.61 -8.81 -10.95
C GLN B 389 2.95 -8.48 -11.60
N HIS B 390 3.45 -7.27 -11.34
CA HIS B 390 4.77 -6.84 -11.78
C HIS B 390 4.93 -6.82 -13.30
N ALA B 391 3.81 -6.69 -14.03
CA ALA B 391 3.88 -6.55 -15.47
C ALA B 391 4.22 -5.14 -15.91
N PHE B 392 3.99 -4.15 -15.06
CA PHE B 392 4.07 -2.74 -15.40
C PHE B 392 4.89 -2.06 -14.31
N LYS B 393 6.15 -1.72 -14.62
CA LYS B 393 7.08 -1.22 -13.61
C LYS B 393 7.80 0.07 -14.01
N PRO B 394 7.05 1.07 -14.52
CA PRO B 394 7.74 2.31 -14.92
C PRO B 394 8.29 3.11 -13.75
N PHE B 395 7.85 2.85 -12.53
CA PHE B 395 8.31 3.58 -11.34
C PHE B 395 9.10 2.69 -10.39
N GLY B 396 9.68 1.60 -10.89
CA GLY B 396 10.49 0.75 -10.05
C GLY B 396 9.64 -0.17 -9.19
N ASN B 397 10.22 -0.60 -8.09
CA ASN B 397 9.63 -1.68 -7.30
C ASN B 397 9.78 -1.46 -5.81
N GLY B 398 8.73 -1.80 -5.07
CA GLY B 398 8.74 -1.95 -3.63
C GLY B 398 9.08 -0.66 -2.91
N GLN B 399 9.79 -0.82 -1.79
CA GLN B 399 10.15 0.34 -0.99
C GLN B 399 11.13 1.25 -1.71
N ARG B 400 11.85 0.75 -2.72
CA ARG B 400 12.73 1.57 -3.54
C ARG B 400 12.03 2.07 -4.79
N ALA B 401 10.71 2.04 -4.84
CA ALA B 401 10.00 2.59 -5.97
C ALA B 401 10.12 4.12 -5.97
N CYS B 402 9.73 4.71 -7.10
CA CYS B 402 9.78 6.15 -7.25
C CYS B 402 8.94 6.85 -6.19
N ILE B 403 9.60 7.65 -5.35
CA ILE B 403 8.85 8.44 -4.38
C ILE B 403 8.08 9.55 -5.08
N GLY B 404 8.49 9.95 -6.28
CA GLY B 404 7.86 11.04 -7.00
C GLY B 404 6.73 10.62 -7.92
N GLN B 405 6.22 9.39 -7.80
CA GLN B 405 5.24 8.89 -8.75
C GLN B 405 3.98 9.75 -8.75
N GLN B 406 3.45 10.07 -7.57
CA GLN B 406 2.24 10.88 -7.51
C GLN B 406 2.49 12.30 -7.99
N PHE B 407 3.66 12.86 -7.65
CA PHE B 407 4.04 14.16 -8.17
C PHE B 407 4.09 14.15 -9.70
N ALA B 408 4.79 13.16 -10.27
CA ALA B 408 4.94 13.09 -11.72
C ALA B 408 3.61 12.93 -12.44
N LEU B 409 2.75 12.03 -11.94
CA LEU B 409 1.47 11.80 -12.61
C LEU B 409 0.50 12.96 -12.42
N HIS B 410 0.55 13.64 -11.28
CA HIS B 410 -0.30 14.80 -11.10
C HIS B 410 0.10 15.93 -12.04
N GLU B 411 1.39 16.23 -12.10
CA GLU B 411 1.87 17.28 -13.01
C GLU B 411 1.53 16.94 -14.46
N ALA B 412 1.82 15.70 -14.88
CA ALA B 412 1.60 15.31 -16.27
C ALA B 412 0.12 15.30 -16.62
N THR B 413 -0.73 14.84 -15.69
CA THR B 413 -2.16 14.84 -15.96
C THR B 413 -2.70 16.26 -16.06
N LEU B 414 -2.30 17.13 -15.13
CA LEU B 414 -2.70 18.53 -15.18
C LEU B 414 -2.27 19.18 -16.49
N VAL B 415 -1.01 19.00 -16.86
CA VAL B 415 -0.47 19.72 -18.01
C VAL B 415 -1.05 19.17 -19.31
N LEU B 416 -1.10 17.84 -19.44
CA LEU B 416 -1.69 17.25 -20.63
C LEU B 416 -3.16 17.59 -20.74
N GLY B 417 -3.87 17.60 -19.61
CA GLY B 417 -5.27 18.01 -19.61
C GLY B 417 -5.44 19.42 -20.14
N MET B 418 -4.62 20.36 -19.65
CA MET B 418 -4.71 21.74 -20.12
C MET B 418 -4.32 21.84 -21.59
N MET B 419 -3.28 21.11 -22.01
CA MET B 419 -2.90 21.11 -23.42
C MET B 419 -4.04 20.63 -24.31
N LEU B 420 -4.72 19.55 -23.91
CA LEU B 420 -5.81 19.03 -24.72
C LEU B 420 -7.04 19.92 -24.67
N LYS B 421 -7.24 20.64 -23.58
CA LYS B 421 -8.36 21.58 -23.50
C LYS B 421 -8.19 22.76 -24.43
N HIS B 422 -6.97 23.28 -24.55
CA HIS B 422 -6.75 24.59 -25.15
C HIS B 422 -6.30 24.57 -26.61
N PHE B 423 -5.85 23.42 -27.13
CA PHE B 423 -5.29 23.41 -28.48
C PHE B 423 -5.68 22.15 -29.23
N ASP B 424 -5.83 22.29 -30.54
CA ASP B 424 -5.75 21.17 -31.47
C ASP B 424 -4.32 21.07 -31.98
N PHE B 425 -3.85 19.84 -32.18
CA PHE B 425 -2.46 19.60 -32.52
C PHE B 425 -2.33 18.97 -33.91
N GLU B 426 -1.35 19.45 -34.67
CA GLU B 426 -1.05 18.93 -35.99
C GLU B 426 0.37 18.38 -36.02
N ASP B 427 0.51 17.15 -36.49
CA ASP B 427 1.80 16.53 -36.74
C ASP B 427 2.28 16.98 -38.12
N HIS B 428 2.66 18.26 -38.18
CA HIS B 428 2.84 18.94 -39.46
C HIS B 428 4.04 18.44 -40.25
N THR B 429 5.00 17.80 -39.60
CA THR B 429 6.17 17.25 -40.29
C THR B 429 6.07 15.76 -40.54
N ASN B 430 4.99 15.11 -40.11
CA ASN B 430 4.89 13.66 -40.07
C ASN B 430 6.14 13.09 -39.40
N TYR B 431 6.30 13.48 -38.14
CA TYR B 431 7.53 13.24 -37.40
C TYR B 431 7.85 11.76 -37.27
N GLU B 432 9.10 11.41 -37.58
CA GLU B 432 9.60 10.04 -37.44
C GLU B 432 10.25 9.87 -36.08
N LEU B 433 9.71 8.95 -35.28
CA LEU B 433 10.17 8.80 -33.91
C LEU B 433 11.66 8.51 -33.86
N ASP B 434 12.38 9.33 -33.10
CA ASP B 434 13.83 9.21 -32.92
C ASP B 434 14.07 9.43 -31.44
N ILE B 435 14.46 8.37 -30.74
CA ILE B 435 14.52 8.40 -29.28
C ILE B 435 15.97 8.66 -28.87
N LYS B 436 16.19 9.83 -28.29
CA LYS B 436 17.50 10.18 -27.75
C LYS B 436 17.66 9.56 -26.38
N GLU B 437 18.86 9.09 -26.08
CA GLU B 437 19.14 8.42 -24.82
C GLU B 437 20.17 9.21 -24.03
N THR B 438 19.80 9.54 -22.80
CA THR B 438 20.74 10.13 -21.84
C THR B 438 20.73 9.18 -20.65
N LEU B 439 20.50 9.68 -19.44
CA LEU B 439 20.07 8.80 -18.37
C LEU B 439 18.65 8.31 -18.63
N THR B 440 17.90 9.05 -19.45
CA THR B 440 16.50 8.77 -19.72
C THR B 440 16.21 8.69 -21.22
N LEU B 441 14.93 8.57 -21.59
CA LEU B 441 14.51 8.45 -22.98
C LEU B 441 13.61 9.62 -23.35
N LYS B 442 13.71 10.14 -24.57
CA LYS B 442 12.79 11.18 -25.01
C LYS B 442 12.77 11.26 -26.52
N PRO B 443 11.67 11.73 -27.13
CA PRO B 443 11.59 11.81 -28.60
C PRO B 443 12.30 13.02 -29.17
N GLU B 444 13.53 12.85 -29.67
CA GLU B 444 14.32 13.98 -30.12
C GLU B 444 13.72 14.59 -31.39
N GLY B 445 13.67 15.93 -31.44
CA GLY B 445 13.20 16.63 -32.61
C GLY B 445 11.71 16.61 -32.81
N PHE B 446 10.94 16.13 -31.84
CA PHE B 446 9.50 16.07 -31.96
C PHE B 446 8.93 17.49 -31.97
N VAL B 447 8.25 17.84 -33.05
CA VAL B 447 7.66 19.16 -33.21
C VAL B 447 6.22 19.00 -33.65
N VAL B 448 5.38 19.96 -33.24
CA VAL B 448 3.97 20.02 -33.63
C VAL B 448 3.59 21.48 -33.83
N LYS B 449 2.44 21.68 -34.47
CA LYS B 449 1.78 22.98 -34.52
C LYS B 449 0.52 22.92 -33.67
N ALA B 450 0.26 23.99 -32.93
CA ALA B 450 -0.91 24.06 -32.05
C ALA B 450 -1.81 25.19 -32.51
N LYS B 451 -3.06 24.85 -32.81
CA LYS B 451 -4.08 25.83 -33.14
C LYS B 451 -4.97 26.03 -31.92
N SER B 452 -5.03 27.26 -31.43
CA SER B 452 -5.75 27.54 -30.21
C SER B 452 -7.25 27.38 -30.40
N LYS B 453 -7.90 26.78 -29.41
CA LYS B 453 -9.35 26.77 -29.33
C LYS B 453 -9.90 28.08 -28.77
N LYS B 454 -9.03 29.02 -28.41
CA LYS B 454 -9.43 30.36 -27.99
C LYS B 454 -10.28 30.33 -26.73
N ILE B 455 -9.91 29.45 -25.80
CA ILE B 455 -10.58 29.33 -24.51
C ILE B 455 -9.77 30.11 -23.47
N PRO B 456 -10.37 31.05 -22.76
CA PRO B 456 -9.59 31.91 -21.87
C PRO B 456 -9.13 31.20 -20.60
N LEU B 457 -8.11 31.77 -19.97
CA LEU B 457 -7.54 31.23 -18.74
C LEU B 457 -8.03 31.98 -17.52
#